data_8ZBT
#
_entry.id   8ZBT
#
_cell.length_a   1.00
_cell.length_b   1.00
_cell.length_c   1.00
_cell.angle_alpha   90.00
_cell.angle_beta   90.00
_cell.angle_gamma   90.00
#
_symmetry.space_group_name_H-M   'P 1'
#
loop_
_entity.id
_entity.type
_entity.pdbx_description
1 polymer 'ATP-binding cassette sub-family C member 4'
2 non-polymer 5-FLUOROURACIL
3 non-polymer 'MAGNESIUM ION'
4 non-polymer "ADENOSINE-5'-TRIPHOSPHATE"
#
_entity_poly.entity_id   1
_entity_poly.type   'polypeptide(L)'
_entity_poly.pdbx_seq_one_letter_code
;MHHHHHHHHHHMLPVYQEVKPNPLQDANLCSRVFFWWLNPLFKIGHKRRLEEDDMYSVLPEDRSQHLGEELQGFWDKEVL
RAENDAQKPSLTRAIIKCYWKSYLVLGIFTLIEESAKVIQPIFLGKIINYFENYDPMDSVALNTAYAYATVLTFCTLILA
ILHHLYFYHVQCAGMRLRVAMCHMIYRKALRLSNMAMGKTTTGQIVNLLSNDVNKFDQVTVFLHFLWAGPLQAIAVTALL
WMEIGISCLAGMAVLIILLPLQSCFGKLFSSLRSKTATFTDARIRTMNEVITGIRIIKMYAWEKSFSNLITNLRKKEISK
ILRSSCLRGMNLASFFSASKIIVFVTFTTYVLLGSVITASRVFVAVTLYGAVRLTVTLFFPSAIERVSEAIVSIRRIQTF
LLLDEISQRNRQLPSDGKKMVHVQDFTAFWDKASETPTLQGLSFTVRPGELLAVVGPVGAGKSSLLSAVLGELAPSHGLV
SVHGRIAYVSQQPWVFSGTLRSNILFGKKYEKERYEKVIKACALKKDLQLLEDGDLTVIGDRGTTLSGGQKARVNLARAV
YQDADIYLLDDPLSAVDAEVSRHLFELCICQILHEKITILVTHQLQYLKAASQILILKDGKMVQKGTYTEFLKSGIDFGS
LLKKDNEESEQPPVPGTPTLRNRTFSESSVWSQQSSRPSLKDGALESQDTENVPVTLSEENRSEGKVGFQAYKNYFRAGA
HWIVFIFLILLNTAAQVAYVLQDWWLSYWANKQSMLNVTVNGGGNVTEKLDLNWYLGIYSGLTVATVLFGIARSLLVFYV
LVNSSQTLHNKMFESILKAPVLFFDRNPIGRILNRFSKDIGHLDDLLPLTFLDFIQTLLQVVGVVSVAVAVIPWIAIPLV
PLGIIFIFLRRYFLETSRDVKRLESTTRSPVFSHLSSSLQGLWTIRAYKAEERCQELFDAHQDLHSEAWFLFLTTSRWFA
VRLDAICAMFVIIVAFGSLILAKTLDAGQVGLALSYALTLMGMFQWCVRQSAEVENMMISVERVIEYTDLEKEAPWEYQK
RPPPAWPHEGVIIFDNVNFMYSPGGPLVLKHLTALIKSQEKVGIVGRTGAGKSSLISALFRLSEPEGKIWIDKILTTEIG
LHDLRKKMSIIPQEPVLFTGTMRKNLDPFNEHTDEELWNALQEVQLKETIEDLPGKMDTELAESGSNFSVGQRQLVCLAR
AILRKNQILIIDQATANVDPRTDELIQKKIREKFAHCTVLTIAHRLNTIIDSDKIMVLDSGRLKEYDEPYVLLQNKESLF
YKMVQQLGKAEAAALTETAKQVYFKRNYPHIGHTDHMVTNTSNGQPSTLTIFETALDYKDDDDK
;
_entity_poly.pdbx_strand_id   A
#
# COMPACT_ATOMS: atom_id res chain seq x y z
N LYS A 20 17.36 29.10 0.60
CA LYS A 20 16.46 28.67 -0.46
C LYS A 20 15.42 29.74 -0.75
N PRO A 21 15.82 30.78 -1.48
CA PRO A 21 14.87 31.86 -1.80
C PRO A 21 13.75 31.38 -2.70
N ASN A 22 12.58 32.00 -2.53
CA ASN A 22 11.41 31.64 -3.32
C ASN A 22 11.25 32.64 -4.46
N PRO A 23 11.49 32.25 -5.71
CA PRO A 23 11.41 33.22 -6.81
C PRO A 23 10.02 33.82 -6.99
N LEU A 24 8.97 33.17 -6.47
CA LEU A 24 7.64 33.74 -6.53
C LEU A 24 7.57 35.08 -5.80
N GLN A 25 8.49 35.35 -4.88
CA GLN A 25 8.56 36.67 -4.26
C GLN A 25 8.89 37.74 -5.30
N ASP A 26 9.84 37.44 -6.20
CA ASP A 26 10.26 38.38 -7.24
C ASP A 26 9.82 37.82 -8.58
N ALA A 27 8.60 38.15 -8.99
CA ALA A 27 8.04 37.65 -10.24
C ALA A 27 7.00 38.65 -10.74
N ASN A 28 7.27 39.27 -11.88
CA ASN A 28 6.30 40.15 -12.50
C ASN A 28 5.10 39.35 -12.97
N LEU A 29 3.96 40.04 -13.10
CA LEU A 29 2.72 39.36 -13.45
C LEU A 29 2.81 38.72 -14.83
N CYS A 30 3.47 39.39 -15.78
CA CYS A 30 3.68 38.81 -17.09
C CYS A 30 4.48 37.52 -16.99
N SER A 31 5.51 37.51 -16.14
CA SER A 31 6.27 36.28 -15.92
C SER A 31 5.45 35.27 -15.13
N ARG A 32 4.65 35.72 -14.18
CA ARG A 32 3.88 34.81 -13.34
C ARG A 32 2.85 34.03 -14.17
N VAL A 33 2.17 34.70 -15.09
CA VAL A 33 1.16 34.04 -15.89
C VAL A 33 1.79 32.97 -16.77
N PHE A 34 2.95 33.25 -17.36
CA PHE A 34 3.63 32.31 -18.24
C PHE A 34 4.42 31.25 -17.50
N PHE A 35 4.48 31.33 -16.16
CA PHE A 35 5.27 30.40 -15.35
C PHE A 35 6.73 30.40 -15.79
N TRP A 36 7.26 31.59 -16.07
CA TRP A 36 8.61 31.71 -16.61
C TRP A 36 9.68 31.37 -15.59
N TRP A 37 9.40 31.58 -14.29
CA TRP A 37 10.44 31.49 -13.27
C TRP A 37 10.93 30.07 -13.02
N LEU A 38 10.28 29.06 -13.58
CA LEU A 38 10.70 27.67 -13.37
C LEU A 38 11.82 27.23 -14.31
N ASN A 39 12.28 28.12 -15.19
CA ASN A 39 13.36 27.77 -16.13
C ASN A 39 14.63 27.27 -15.45
N PRO A 40 15.16 27.91 -14.41
CA PRO A 40 16.35 27.34 -13.76
C PRO A 40 16.11 25.95 -13.18
N LEU A 41 14.96 25.73 -12.55
CA LEU A 41 14.67 24.42 -11.99
C LEU A 41 14.59 23.37 -13.08
N PHE A 42 13.95 23.69 -14.21
CA PHE A 42 13.85 22.73 -15.29
C PHE A 42 15.20 22.46 -15.94
N LYS A 43 16.05 23.50 -16.04
CA LYS A 43 17.40 23.28 -16.55
C LYS A 43 18.19 22.36 -15.64
N ILE A 44 18.08 22.55 -14.32
CA ILE A 44 18.76 21.66 -13.38
C ILE A 44 18.21 20.24 -13.50
N GLY A 45 16.89 20.10 -13.63
CA GLY A 45 16.30 18.78 -13.78
C GLY A 45 16.74 18.07 -15.04
N HIS A 46 16.94 18.83 -16.12
CA HIS A 46 17.49 18.22 -17.33
C HIS A 46 18.96 17.84 -17.13
N LYS A 47 19.73 18.68 -16.45
CA LYS A 47 21.15 18.43 -16.30
C LYS A 47 21.42 17.21 -15.42
N ARG A 48 20.72 17.10 -14.29
CA ARG A 48 20.95 16.02 -13.34
C ARG A 48 19.64 15.68 -12.64
N ARG A 49 19.74 14.88 -11.58
CA ARG A 49 18.56 14.44 -10.85
C ARG A 49 18.10 15.51 -9.87
N LEU A 50 17.05 15.19 -9.11
CA LEU A 50 16.46 16.11 -8.15
C LEU A 50 16.53 15.53 -6.75
N GLU A 51 16.57 16.41 -5.77
CA GLU A 51 16.61 16.02 -4.36
C GLU A 51 16.17 17.21 -3.52
N GLU A 52 16.03 16.97 -2.21
CA GLU A 52 15.54 18.00 -1.31
C GLU A 52 16.43 19.25 -1.35
N ASP A 53 17.72 19.08 -1.61
CA ASP A 53 18.62 20.22 -1.71
C ASP A 53 18.17 21.15 -2.83
N ASP A 54 17.79 20.58 -3.99
CA ASP A 54 17.30 21.38 -5.10
C ASP A 54 15.91 21.97 -4.85
N MET A 55 15.33 21.75 -3.67
CA MET A 55 13.96 22.12 -3.41
C MET A 55 13.83 23.65 -3.29
N TYR A 56 12.60 24.13 -3.45
CA TYR A 56 12.30 25.56 -3.42
C TYR A 56 11.37 25.85 -2.25
N SER A 57 11.88 26.61 -1.27
CA SER A 57 11.13 26.84 -0.04
C SER A 57 9.82 27.57 -0.32
N VAL A 58 8.80 27.25 0.47
CA VAL A 58 7.45 27.76 0.24
C VAL A 58 7.33 29.21 0.68
N LEU A 59 6.26 29.86 0.26
CA LEU A 59 5.97 31.21 0.72
C LEU A 59 5.71 31.20 2.22
N PRO A 60 6.13 32.23 2.96
CA PRO A 60 5.81 32.28 4.39
C PRO A 60 4.33 32.22 4.68
N GLU A 61 3.49 32.80 3.82
CA GLU A 61 2.04 32.71 4.01
C GLU A 61 1.56 31.26 3.89
N ASP A 62 2.27 30.44 3.13
CA ASP A 62 1.88 29.05 2.90
C ASP A 62 2.32 28.12 4.02
N ARG A 63 3.03 28.63 5.04
CA ARG A 63 3.50 27.78 6.11
C ARG A 63 2.34 27.18 6.89
N SER A 64 2.59 26.01 7.46
CA SER A 64 1.53 25.30 8.19
C SER A 64 1.17 26.00 9.50
N GLN A 65 2.15 26.63 10.16
CA GLN A 65 1.91 27.22 11.47
C GLN A 65 0.87 28.34 11.39
N HIS A 66 1.00 29.23 10.41
CA HIS A 66 0.09 30.36 10.29
C HIS A 66 -1.32 29.90 9.94
N LEU A 67 -1.45 28.96 8.99
CA LEU A 67 -2.75 28.42 8.66
C LEU A 67 -3.38 27.73 9.87
N GLY A 68 -2.59 26.97 10.62
CA GLY A 68 -3.10 26.32 11.81
C GLY A 68 -3.59 27.31 12.85
N GLU A 69 -2.85 28.40 13.04
CA GLU A 69 -3.28 29.42 14.00
C GLU A 69 -4.58 30.08 13.55
N GLU A 70 -4.70 30.41 12.26
CA GLU A 70 -5.94 31.01 11.77
C GLU A 70 -7.12 30.06 11.97
N LEU A 71 -6.92 28.77 11.65
CA LEU A 71 -8.00 27.82 11.75
C LEU A 71 -8.37 27.54 13.20
N GLN A 72 -7.37 27.53 14.10
CA GLN A 72 -7.65 27.49 15.53
C GLN A 72 -8.53 28.65 15.96
N GLY A 73 -8.15 29.87 15.58
CA GLY A 73 -8.94 31.03 15.98
C GLY A 73 -10.38 30.92 15.52
N PHE A 74 -10.56 30.57 14.25
CA PHE A 74 -11.92 30.51 13.68
C PHE A 74 -12.74 29.37 14.28
N TRP A 75 -12.12 28.19 14.44
CA TRP A 75 -12.85 27.04 14.98
C TRP A 75 -13.25 27.28 16.43
N ASP A 76 -12.34 27.87 17.22
CA ASP A 76 -12.67 28.17 18.60
C ASP A 76 -13.75 29.24 18.67
N LYS A 77 -13.71 30.23 17.77
CA LYS A 77 -14.78 31.22 17.76
C LYS A 77 -16.14 30.58 17.45
N GLU A 78 -16.19 29.67 16.47
CA GLU A 78 -17.48 29.12 16.14
C GLU A 78 -17.97 28.20 17.25
N VAL A 79 -17.06 27.49 17.91
CA VAL A 79 -17.51 26.60 18.99
C VAL A 79 -17.94 27.40 20.20
N LEU A 80 -17.34 28.57 20.44
CA LEU A 80 -17.87 29.48 21.45
C LEU A 80 -19.27 29.93 21.07
N ARG A 81 -19.49 30.24 19.78
CA ARG A 81 -20.83 30.58 19.32
C ARG A 81 -21.80 29.42 19.56
N ALA A 82 -21.35 28.18 19.30
CA ALA A 82 -22.20 27.02 19.46
C ALA A 82 -22.57 26.81 20.92
N GLU A 83 -21.62 26.98 21.82
CA GLU A 83 -21.94 26.88 23.25
C GLU A 83 -22.89 27.99 23.67
N ASN A 84 -22.72 29.20 23.13
CA ASN A 84 -23.62 30.30 23.45
C ASN A 84 -25.04 30.02 22.98
N ASP A 85 -25.17 29.46 21.78
CA ASP A 85 -26.47 29.25 21.15
C ASP A 85 -27.10 27.90 21.51
N ALA A 86 -26.37 27.04 22.22
CA ALA A 86 -26.85 25.71 22.62
C ALA A 86 -27.24 24.88 21.41
N GLN A 87 -26.26 24.62 20.55
CA GLN A 87 -26.47 23.82 19.35
C GLN A 87 -25.16 23.16 18.95
N LYS A 88 -25.23 22.31 17.94
CA LYS A 88 -24.06 21.61 17.45
C LYS A 88 -23.15 22.57 16.67
N PRO A 89 -21.85 22.31 16.66
CA PRO A 89 -20.91 23.14 15.89
C PRO A 89 -20.88 22.70 14.43
N SER A 90 -20.00 23.35 13.65
CA SER A 90 -19.91 23.05 12.22
C SER A 90 -18.52 23.41 11.70
N LEU A 91 -17.69 22.39 11.50
CA LEU A 91 -16.44 22.56 10.76
C LEU A 91 -16.70 23.17 9.39
N THR A 92 -17.82 22.81 8.75
CA THR A 92 -18.15 23.38 7.45
C THR A 92 -18.36 24.88 7.56
N ARG A 93 -19.12 25.31 8.56
CA ARG A 93 -19.34 26.75 8.74
C ARG A 93 -18.04 27.47 9.03
N ALA A 94 -17.19 26.87 9.88
CA ALA A 94 -15.90 27.50 10.17
C ALA A 94 -15.05 27.64 8.90
N ILE A 95 -15.02 26.59 8.07
CA ILE A 95 -14.20 26.62 6.87
C ILE A 95 -14.71 27.67 5.90
N ILE A 96 -16.03 27.73 5.71
CA ILE A 96 -16.61 28.72 4.79
C ILE A 96 -16.31 30.13 5.29
N LYS A 97 -16.60 30.41 6.57
CA LYS A 97 -16.34 31.73 7.11
C LYS A 97 -14.86 32.06 7.16
N CYS A 98 -13.99 31.06 7.02
CA CYS A 98 -12.56 31.33 6.91
C CYS A 98 -12.12 31.64 5.49
N TYR A 99 -12.73 31.00 4.48
CA TYR A 99 -12.14 31.01 3.14
C TYR A 99 -12.97 31.69 2.06
N TRP A 100 -14.23 32.05 2.32
CA TRP A 100 -15.05 32.58 1.21
C TRP A 100 -14.51 33.92 0.71
N LYS A 101 -14.09 34.79 1.63
CA LYS A 101 -13.64 36.14 1.26
C LYS A 101 -12.42 36.10 0.35
N SER A 102 -11.60 35.05 0.44
CA SER A 102 -10.45 34.90 -0.43
C SER A 102 -10.69 33.89 -1.54
N TYR A 103 -11.86 33.25 -1.57
CA TYR A 103 -12.17 32.31 -2.64
C TYR A 103 -13.16 32.83 -3.67
N LEU A 104 -13.81 33.98 -3.42
CA LEU A 104 -14.81 34.46 -4.36
C LEU A 104 -14.20 35.05 -5.64
N VAL A 105 -13.02 35.67 -5.54
CA VAL A 105 -12.43 36.35 -6.69
C VAL A 105 -12.10 35.35 -7.79
N LEU A 106 -11.64 34.16 -7.42
CA LEU A 106 -11.41 33.12 -8.41
C LEU A 106 -12.73 32.71 -9.08
N GLY A 107 -13.84 32.79 -8.34
CA GLY A 107 -15.14 32.57 -8.97
C GLY A 107 -15.46 33.64 -10.00
N ILE A 108 -15.14 34.90 -9.69
CA ILE A 108 -15.33 35.95 -10.68
C ILE A 108 -14.51 35.66 -11.94
N PHE A 109 -13.26 35.24 -11.75
CA PHE A 109 -12.41 34.96 -12.90
C PHE A 109 -12.95 33.79 -13.71
N THR A 110 -13.40 32.73 -13.05
CA THR A 110 -13.93 31.60 -13.79
C THR A 110 -15.22 31.98 -14.52
N LEU A 111 -16.00 32.92 -13.96
CA LEU A 111 -17.17 33.42 -14.66
C LEU A 111 -16.78 34.12 -15.96
N ILE A 112 -15.78 35.00 -15.91
CA ILE A 112 -15.40 35.70 -17.13
C ILE A 112 -14.79 34.73 -18.14
N GLU A 113 -14.03 33.73 -17.66
CA GLU A 113 -13.46 32.74 -18.56
C GLU A 113 -14.56 31.95 -19.27
N GLU A 114 -15.58 31.54 -18.53
CA GLU A 114 -16.67 30.79 -19.15
C GLU A 114 -17.47 31.68 -20.09
N SER A 115 -17.60 32.96 -19.78
CA SER A 115 -18.23 33.89 -20.72
C SER A 115 -17.49 33.88 -22.05
N ALA A 116 -16.16 33.95 -22.02
CA ALA A 116 -15.39 33.86 -23.26
C ALA A 116 -15.60 32.51 -23.95
N LYS A 117 -15.59 31.43 -23.17
CA LYS A 117 -15.75 30.08 -23.71
C LYS A 117 -17.07 29.95 -24.46
N VAL A 118 -18.13 30.56 -23.95
CA VAL A 118 -19.43 30.45 -24.60
C VAL A 118 -19.59 31.48 -25.73
N ILE A 119 -18.90 32.62 -25.64
CA ILE A 119 -19.04 33.63 -26.68
C ILE A 119 -18.23 33.30 -27.93
N GLN A 120 -17.24 32.40 -27.83
CA GLN A 120 -16.42 32.07 -28.98
C GLN A 120 -17.21 31.54 -30.19
N PRO A 121 -18.14 30.58 -30.05
CA PRO A 121 -18.85 30.10 -31.24
C PRO A 121 -19.66 31.16 -31.98
N ILE A 122 -20.14 32.19 -31.29
CA ILE A 122 -20.84 33.28 -31.99
C ILE A 122 -19.89 33.96 -32.98
N PHE A 123 -18.64 34.16 -32.56
CA PHE A 123 -17.66 34.77 -33.45
C PHE A 123 -17.30 33.83 -34.59
N LEU A 124 -17.26 32.52 -34.31
CA LEU A 124 -17.16 31.54 -35.39
C LEU A 124 -18.28 31.71 -36.40
N GLY A 125 -19.52 31.85 -35.92
CA GLY A 125 -20.65 32.02 -36.81
C GLY A 125 -20.55 33.29 -37.64
N LYS A 126 -20.07 34.38 -37.02
CA LYS A 126 -19.90 35.63 -37.76
C LYS A 126 -18.86 35.49 -38.87
N ILE A 127 -17.73 34.83 -38.57
CA ILE A 127 -16.71 34.68 -39.60
C ILE A 127 -17.24 33.81 -40.75
N ILE A 128 -18.00 32.75 -40.43
CA ILE A 128 -18.57 31.92 -41.49
C ILE A 128 -19.56 32.74 -42.30
N ASN A 129 -20.38 33.54 -41.63
CA ASN A 129 -21.34 34.42 -42.28
C ASN A 129 -20.62 35.33 -43.27
N TYR A 130 -19.41 35.76 -42.92
CA TYR A 130 -18.58 36.43 -43.92
C TYR A 130 -18.29 35.51 -45.09
N PHE A 131 -17.94 34.25 -44.82
CA PHE A 131 -17.51 33.37 -45.91
C PHE A 131 -18.60 33.13 -46.95
N GLU A 132 -19.81 32.73 -46.55
CA GLU A 132 -20.66 32.25 -47.64
C GLU A 132 -21.18 33.39 -48.52
N ASN A 133 -21.05 34.63 -48.07
CA ASN A 133 -21.46 35.82 -48.81
C ASN A 133 -20.26 36.49 -49.49
N TYR A 134 -19.32 35.68 -49.98
CA TYR A 134 -18.05 36.19 -50.47
C TYR A 134 -18.23 37.13 -51.65
N ASP A 135 -17.40 38.18 -51.68
CA ASP A 135 -17.33 39.14 -52.77
C ASP A 135 -15.85 39.41 -53.08
N PRO A 136 -15.37 39.00 -54.24
CA PRO A 136 -13.92 39.10 -54.51
C PRO A 136 -13.37 40.50 -54.46
N MET A 137 -14.13 41.51 -54.87
CA MET A 137 -13.62 42.87 -54.97
C MET A 137 -13.88 43.69 -53.71
N ASP A 138 -14.49 43.12 -52.68
CA ASP A 138 -14.81 43.86 -51.48
C ASP A 138 -13.59 43.95 -50.55
N SER A 139 -13.56 44.99 -49.74
CA SER A 139 -12.48 45.19 -48.79
C SER A 139 -12.96 45.42 -47.36
N VAL A 140 -14.10 46.12 -47.18
CA VAL A 140 -14.61 46.36 -45.84
C VAL A 140 -15.05 45.07 -45.18
N ALA A 141 -15.66 44.17 -45.95
CA ALA A 141 -16.03 42.86 -45.42
C ALA A 141 -14.80 42.08 -44.99
N LEU A 142 -13.72 42.15 -45.78
CA LEU A 142 -12.48 41.48 -45.42
C LEU A 142 -11.88 42.07 -44.16
N ASN A 143 -11.95 43.39 -43.99
CA ASN A 143 -11.46 44.01 -42.77
C ASN A 143 -12.26 43.55 -41.56
N THR A 144 -13.59 43.49 -41.70
CA THR A 144 -14.41 42.98 -40.61
C THR A 144 -14.07 41.52 -40.30
N ALA A 145 -13.81 40.73 -41.34
CA ALA A 145 -13.42 39.33 -41.13
C ALA A 145 -12.12 39.23 -40.36
N TYR A 146 -11.12 40.06 -40.70
CA TYR A 146 -9.88 40.06 -39.94
C TYR A 146 -10.10 40.50 -38.50
N ALA A 147 -10.97 41.49 -38.28
CA ALA A 147 -11.25 41.92 -36.92
C ALA A 147 -11.90 40.80 -36.11
N TYR A 148 -12.84 40.08 -36.71
CA TYR A 148 -13.46 38.96 -36.01
C TYR A 148 -12.46 37.85 -35.76
N ALA A 149 -11.57 37.60 -36.71
CA ALA A 149 -10.54 36.58 -36.51
C ALA A 149 -9.61 36.94 -35.37
N THR A 150 -9.21 38.21 -35.27
CA THR A 150 -8.28 38.58 -34.20
C THR A 150 -8.96 38.66 -32.84
N VAL A 151 -10.24 39.01 -32.78
CA VAL A 151 -10.93 38.93 -31.49
C VAL A 151 -11.16 37.47 -31.11
N LEU A 152 -11.35 36.59 -32.10
CA LEU A 152 -11.33 35.16 -31.82
C LEU A 152 -9.98 34.72 -31.28
N THR A 153 -8.90 35.30 -31.81
CA THR A 153 -7.57 35.02 -31.27
C THR A 153 -7.48 35.44 -29.81
N PHE A 154 -8.02 36.62 -29.49
CA PHE A 154 -8.07 37.05 -28.09
C PHE A 154 -8.83 36.05 -27.22
N CYS A 155 -9.99 35.59 -27.71
CA CYS A 155 -10.79 34.64 -26.93
C CYS A 155 -10.03 33.34 -26.70
N THR A 156 -9.40 32.81 -27.74
CA THR A 156 -8.66 31.56 -27.59
C THR A 156 -7.47 31.74 -26.65
N LEU A 157 -6.76 32.87 -26.76
CA LEU A 157 -5.61 33.09 -25.91
C LEU A 157 -6.03 33.23 -24.44
N ILE A 158 -7.12 33.94 -24.17
CA ILE A 158 -7.55 34.08 -22.79
C ILE A 158 -8.09 32.76 -22.25
N LEU A 159 -8.64 31.91 -23.13
CA LEU A 159 -9.08 30.60 -22.67
C LEU A 159 -7.90 29.68 -22.38
N ALA A 160 -6.81 29.81 -23.13
CA ALA A 160 -5.70 28.87 -23.04
C ALA A 160 -4.46 29.43 -22.34
N ILE A 161 -4.55 30.60 -21.71
CA ILE A 161 -3.39 31.14 -21.02
C ILE A 161 -3.69 31.40 -19.55
N LEU A 162 -4.66 32.27 -19.27
CA LEU A 162 -4.96 32.64 -17.89
C LEU A 162 -5.63 31.52 -17.11
N HIS A 163 -6.28 30.59 -17.82
CA HIS A 163 -6.96 29.47 -17.19
C HIS A 163 -6.03 28.68 -16.28
N HIS A 164 -4.76 28.56 -16.67
CA HIS A 164 -3.82 27.76 -15.89
C HIS A 164 -3.41 28.47 -14.61
N LEU A 165 -3.25 29.80 -14.65
CA LEU A 165 -3.01 30.55 -13.43
C LEU A 165 -4.19 30.42 -12.47
N TYR A 166 -5.40 30.51 -13.01
CA TYR A 166 -6.59 30.32 -12.17
C TYR A 166 -6.61 28.93 -11.56
N PHE A 167 -6.25 27.91 -12.36
CA PHE A 167 -6.21 26.54 -11.87
C PHE A 167 -5.18 26.39 -10.75
N TYR A 168 -4.01 27.00 -10.92
CA TYR A 168 -2.99 26.96 -9.87
C TYR A 168 -3.50 27.59 -8.59
N HIS A 169 -4.15 28.75 -8.69
CA HIS A 169 -4.62 29.41 -7.48
C HIS A 169 -5.70 28.60 -6.78
N VAL A 170 -6.59 27.98 -7.55
CA VAL A 170 -7.61 27.12 -6.95
C VAL A 170 -6.95 25.96 -6.20
N GLN A 171 -6.01 25.28 -6.86
CA GLN A 171 -5.36 24.13 -6.23
C GLN A 171 -4.51 24.55 -5.04
N CYS A 172 -3.94 25.75 -5.08
CA CYS A 172 -3.15 26.23 -3.95
C CYS A 172 -4.04 26.54 -2.75
N ALA A 173 -5.23 27.09 -2.99
CA ALA A 173 -6.18 27.26 -1.89
C ALA A 173 -6.56 25.91 -1.31
N GLY A 174 -6.79 24.91 -2.16
CA GLY A 174 -7.07 23.58 -1.66
C GLY A 174 -5.94 23.01 -0.83
N MET A 175 -4.70 23.22 -1.27
CA MET A 175 -3.54 22.73 -0.53
C MET A 175 -3.43 23.42 0.83
N ARG A 176 -3.68 24.73 0.87
CA ARG A 176 -3.65 25.45 2.14
C ARG A 176 -4.69 24.87 3.09
N LEU A 177 -5.89 24.62 2.58
CA LEU A 177 -6.95 24.04 3.42
C LEU A 177 -6.54 22.67 3.95
N ARG A 178 -5.97 21.82 3.10
CA ARG A 178 -5.57 20.49 3.54
C ARG A 178 -4.49 20.57 4.61
N VAL A 179 -3.51 21.46 4.42
CA VAL A 179 -2.43 21.59 5.40
C VAL A 179 -2.97 22.06 6.74
N ALA A 180 -3.89 23.05 6.71
CA ALA A 180 -4.48 23.53 7.96
C ALA A 180 -5.25 22.43 8.66
N MET A 181 -6.02 21.64 7.90
CA MET A 181 -6.77 20.53 8.51
C MET A 181 -5.83 19.50 9.13
N CYS A 182 -4.73 19.18 8.45
CA CYS A 182 -3.78 18.22 8.99
C CYS A 182 -3.15 18.73 10.29
N HIS A 183 -2.75 20.00 10.31
CA HIS A 183 -2.17 20.55 11.53
C HIS A 183 -3.18 20.51 12.67
N MET A 184 -4.43 20.85 12.36
CA MET A 184 -5.49 20.79 13.36
C MET A 184 -5.66 19.38 13.92
N ILE A 185 -5.71 18.38 13.04
CA ILE A 185 -5.98 17.03 13.52
C ILE A 185 -4.81 16.51 14.35
N TYR A 186 -3.57 16.83 13.95
CA TYR A 186 -2.44 16.40 14.75
C TYR A 186 -2.44 17.07 16.12
N ARG A 187 -2.72 18.39 16.16
CA ARG A 187 -2.72 19.10 17.42
C ARG A 187 -3.78 18.53 18.36
N LYS A 188 -4.96 18.22 17.82
CA LYS A 188 -6.01 17.64 18.66
C LYS A 188 -5.63 16.23 19.11
N ALA A 189 -4.99 15.44 18.23
CA ALA A 189 -4.63 14.08 18.58
C ALA A 189 -3.60 14.05 19.70
N LEU A 190 -2.64 14.98 19.68
CA LEU A 190 -1.59 14.98 20.70
C LEU A 190 -2.13 15.33 22.09
N ARG A 191 -3.34 15.87 22.19
CA ARG A 191 -3.91 16.30 23.47
C ARG A 191 -5.28 15.67 23.70
N LEU A 192 -5.36 14.36 23.56
CA LEU A 192 -6.59 13.61 23.79
C LEU A 192 -6.46 12.74 25.03
N SER A 193 -7.62 12.30 25.53
CA SER A 193 -7.70 11.66 26.84
C SER A 193 -7.59 10.14 26.74
N ASN A 194 -7.39 9.52 27.91
CA ASN A 194 -7.21 8.07 27.96
C ASN A 194 -8.47 7.34 27.51
N MET A 195 -9.65 7.81 27.93
CA MET A 195 -10.89 7.19 27.49
C MET A 195 -11.06 7.33 25.98
N ALA A 196 -10.69 8.48 25.43
CA ALA A 196 -10.75 8.66 23.99
C ALA A 196 -9.81 7.69 23.27
N MET A 197 -8.59 7.52 23.80
CA MET A 197 -7.67 6.56 23.21
C MET A 197 -8.21 5.14 23.28
N GLY A 198 -8.84 4.79 24.41
CA GLY A 198 -9.45 3.47 24.51
C GLY A 198 -10.58 3.27 23.51
N LYS A 199 -11.37 4.31 23.28
CA LYS A 199 -12.46 4.21 22.31
C LYS A 199 -11.92 4.08 20.88
N THR A 200 -10.99 4.93 20.50
CA THR A 200 -10.43 4.91 19.16
C THR A 200 -9.19 4.00 19.12
N THR A 201 -8.42 4.07 18.04
CA THR A 201 -7.21 3.26 17.91
C THR A 201 -6.17 4.04 17.13
N THR A 202 -4.92 3.59 17.25
CA THR A 202 -3.83 4.21 16.50
C THR A 202 -3.94 3.94 15.00
N GLY A 203 -4.76 2.98 14.60
CA GLY A 203 -4.94 2.67 13.20
C GLY A 203 -5.80 3.68 12.47
N GLN A 204 -7.03 3.87 12.93
CA GLN A 204 -7.95 4.79 12.27
C GLN A 204 -7.43 6.23 12.34
N ILE A 205 -6.78 6.59 13.45
CA ILE A 205 -6.33 7.96 13.65
C ILE A 205 -5.23 8.36 12.66
N VAL A 206 -4.50 7.40 12.10
CA VAL A 206 -3.52 7.71 11.07
C VAL A 206 -4.15 7.42 9.71
N ASN A 207 -5.13 6.52 9.69
CA ASN A 207 -5.79 6.17 8.43
C ASN A 207 -6.54 7.36 7.85
N LEU A 208 -7.28 8.11 8.68
CA LEU A 208 -8.03 9.22 8.13
C LEU A 208 -7.08 10.31 7.66
N LEU A 209 -6.03 10.60 8.44
CA LEU A 209 -5.07 11.62 8.04
C LEU A 209 -4.32 11.22 6.78
N SER A 210 -4.18 9.91 6.53
CA SER A 210 -3.49 9.47 5.33
C SER A 210 -4.38 9.40 4.10
N ASN A 211 -5.69 9.15 4.27
CA ASN A 211 -6.57 8.93 3.14
C ASN A 211 -7.65 10.00 2.99
N ASP A 212 -8.40 10.28 4.06
CA ASP A 212 -9.62 11.05 3.94
C ASP A 212 -9.36 12.53 3.70
N VAL A 213 -8.32 13.08 4.34
CA VAL A 213 -8.05 14.52 4.19
C VAL A 213 -7.59 14.86 2.78
N ASN A 214 -7.15 13.86 2.01
CA ASN A 214 -6.71 14.11 0.64
C ASN A 214 -7.86 14.52 -0.28
N LYS A 215 -9.11 14.39 0.16
CA LYS A 215 -10.24 14.83 -0.64
C LYS A 215 -10.27 16.34 -0.79
N PHE A 216 -9.57 17.08 0.08
CA PHE A 216 -9.58 18.54 0.01
C PHE A 216 -8.76 19.05 -1.17
N ASP A 217 -7.77 18.28 -1.61
CA ASP A 217 -6.96 18.67 -2.76
C ASP A 217 -7.63 18.30 -4.08
N GLN A 218 -8.80 17.68 -4.04
CA GLN A 218 -9.56 17.33 -5.24
C GLN A 218 -10.92 18.00 -5.30
N VAL A 219 -11.56 18.27 -4.16
CA VAL A 219 -12.87 18.90 -4.19
C VAL A 219 -12.79 20.36 -4.62
N THR A 220 -11.71 21.04 -4.25
CA THR A 220 -11.60 22.47 -4.57
C THR A 220 -11.49 22.70 -6.06
N VAL A 221 -10.96 21.72 -6.81
CA VAL A 221 -10.70 21.90 -8.23
C VAL A 221 -12.01 22.09 -9.00
N PHE A 222 -12.98 21.21 -8.77
CA PHE A 222 -14.26 21.28 -9.45
C PHE A 222 -15.32 22.07 -8.70
N LEU A 223 -14.96 22.68 -7.56
CA LEU A 223 -15.97 23.32 -6.71
C LEU A 223 -16.67 24.47 -7.43
N HIS A 224 -15.92 25.29 -8.16
CA HIS A 224 -16.50 26.48 -8.77
C HIS A 224 -17.44 26.15 -9.93
N PHE A 225 -17.44 24.91 -10.42
CA PHE A 225 -18.34 24.55 -11.49
C PHE A 225 -19.77 24.28 -11.00
N LEU A 226 -19.99 24.23 -9.69
CA LEU A 226 -21.35 24.05 -9.18
C LEU A 226 -22.25 25.20 -9.58
N TRP A 227 -21.76 26.43 -9.49
CA TRP A 227 -22.51 27.61 -9.87
C TRP A 227 -22.18 28.09 -11.28
N ALA A 228 -21.39 27.32 -12.02
CA ALA A 228 -21.10 27.62 -13.42
C ALA A 228 -21.78 26.68 -14.40
N GLY A 229 -22.11 25.47 -13.97
CA GLY A 229 -22.76 24.50 -14.83
C GLY A 229 -24.11 24.96 -15.33
N PRO A 230 -25.07 25.15 -14.42
CA PRO A 230 -26.41 25.57 -14.87
C PRO A 230 -26.42 26.89 -15.62
N LEU A 231 -25.59 27.85 -15.22
CA LEU A 231 -25.54 29.13 -15.92
C LEU A 231 -25.02 28.95 -17.35
N GLN A 232 -23.97 28.14 -17.52
CA GLN A 232 -23.46 27.85 -18.85
C GLN A 232 -24.51 27.13 -19.69
N ALA A 233 -25.20 26.15 -19.09
CA ALA A 233 -26.22 25.43 -19.85
C ALA A 233 -27.34 26.37 -20.29
N ILE A 234 -27.76 27.27 -19.41
CA ILE A 234 -28.82 28.22 -19.76
C ILE A 234 -28.36 29.16 -20.87
N ALA A 235 -27.13 29.67 -20.76
CA ALA A 235 -26.62 30.58 -21.78
C ALA A 235 -26.51 29.89 -23.14
N VAL A 236 -25.99 28.66 -23.15
CA VAL A 236 -25.86 27.92 -24.40
C VAL A 236 -27.23 27.62 -24.99
N THR A 237 -28.19 27.25 -24.13
CA THR A 237 -29.54 26.99 -24.61
C THR A 237 -30.17 28.23 -25.21
N ALA A 238 -29.96 29.39 -24.58
CA ALA A 238 -30.51 30.63 -25.12
C ALA A 238 -29.87 30.96 -26.46
N LEU A 239 -28.55 30.82 -26.56
CA LEU A 239 -27.87 31.09 -27.82
C LEU A 239 -28.37 30.18 -28.93
N LEU A 240 -28.55 28.90 -28.62
CA LEU A 240 -28.98 27.95 -29.64
C LEU A 240 -30.44 28.16 -30.03
N TRP A 241 -31.29 28.49 -29.06
CA TRP A 241 -32.66 28.89 -29.34
C TRP A 241 -32.72 30.10 -30.26
N MET A 242 -31.81 31.06 -30.06
CA MET A 242 -31.72 32.19 -30.99
C MET A 242 -31.25 31.72 -32.37
N GLU A 243 -30.30 30.79 -32.41
CA GLU A 243 -29.63 30.47 -33.67
C GLU A 243 -30.46 29.54 -34.56
N ILE A 244 -30.73 28.32 -34.09
CA ILE A 244 -31.26 27.27 -34.94
C ILE A 244 -32.77 27.14 -34.87
N GLY A 245 -33.36 27.22 -33.68
CA GLY A 245 -34.80 27.10 -33.51
C GLY A 245 -35.16 25.97 -32.55
N ILE A 246 -36.25 25.27 -32.86
CA ILE A 246 -36.86 24.32 -31.93
C ILE A 246 -35.95 23.13 -31.63
N SER A 247 -34.97 22.85 -32.49
CA SER A 247 -34.14 21.66 -32.31
C SER A 247 -33.29 21.73 -31.05
N CYS A 248 -33.13 22.93 -30.47
CA CYS A 248 -32.32 23.07 -29.27
C CYS A 248 -32.91 22.29 -28.10
N LEU A 249 -34.24 22.28 -27.98
CA LEU A 249 -34.87 21.50 -26.92
C LEU A 249 -34.57 20.02 -27.08
N ALA A 250 -34.67 19.50 -28.29
CA ALA A 250 -34.37 18.08 -28.52
C ALA A 250 -32.91 17.78 -28.21
N GLY A 251 -32.00 18.64 -28.66
CA GLY A 251 -30.59 18.42 -28.38
C GLY A 251 -30.28 18.42 -26.90
N MET A 252 -30.82 19.42 -26.18
CA MET A 252 -30.58 19.51 -24.74
C MET A 252 -31.20 18.32 -24.01
N ALA A 253 -32.38 17.88 -24.44
CA ALA A 253 -33.00 16.72 -23.82
C ALA A 253 -32.15 15.47 -24.02
N VAL A 254 -31.66 15.24 -25.23
CA VAL A 254 -30.82 14.08 -25.48
C VAL A 254 -29.55 14.13 -24.65
N LEU A 255 -28.95 15.32 -24.56
CA LEU A 255 -27.73 15.45 -23.76
C LEU A 255 -28.00 15.21 -22.28
N ILE A 256 -29.13 15.71 -21.77
CA ILE A 256 -29.43 15.56 -20.35
C ILE A 256 -29.74 14.10 -20.01
N ILE A 257 -30.43 13.40 -20.91
CA ILE A 257 -30.75 11.99 -20.67
C ILE A 257 -29.50 11.15 -20.46
N LEU A 258 -28.35 11.62 -20.94
CA LEU A 258 -27.10 10.90 -20.74
C LEU A 258 -26.74 10.76 -19.26
N LEU A 259 -27.00 11.81 -18.47
CA LEU A 259 -26.56 11.83 -17.08
C LEU A 259 -27.15 10.72 -16.23
N PRO A 260 -28.47 10.48 -16.19
CA PRO A 260 -28.96 9.32 -15.43
C PRO A 260 -28.42 8.00 -15.95
N LEU A 261 -28.20 7.89 -17.26
CA LEU A 261 -27.56 6.71 -17.82
C LEU A 261 -26.14 6.54 -17.29
N GLN A 262 -25.39 7.63 -17.19
CA GLN A 262 -24.06 7.58 -16.61
C GLN A 262 -24.10 7.12 -15.16
N SER A 263 -25.05 7.66 -14.39
CA SER A 263 -25.18 7.26 -12.98
C SER A 263 -25.53 5.78 -12.87
N CYS A 264 -26.43 5.31 -13.73
CA CYS A 264 -26.84 3.90 -13.66
C CYS A 264 -25.68 2.97 -14.00
N PHE A 265 -24.91 3.29 -15.04
CA PHE A 265 -23.74 2.47 -15.35
C PHE A 265 -22.69 2.54 -14.23
N GLY A 266 -22.51 3.71 -13.63
CA GLY A 266 -21.59 3.80 -12.50
C GLY A 266 -22.00 2.91 -11.35
N LYS A 267 -23.29 2.93 -11.00
CA LYS A 267 -23.78 2.09 -9.92
C LYS A 267 -23.62 0.61 -10.25
N LEU A 268 -23.96 0.22 -11.48
CA LEU A 268 -23.84 -1.18 -11.86
C LEU A 268 -22.38 -1.64 -11.83
N PHE A 269 -21.47 -0.80 -12.32
CA PHE A 269 -20.06 -1.15 -12.30
C PHE A 269 -19.53 -1.25 -10.88
N SER A 270 -19.96 -0.34 -9.99
CA SER A 270 -19.55 -0.44 -8.59
C SER A 270 -20.04 -1.73 -7.96
N SER A 271 -21.29 -2.10 -8.24
CA SER A 271 -21.81 -3.36 -7.72
C SER A 271 -21.02 -4.55 -8.22
N LEU A 272 -20.68 -4.57 -9.52
CA LEU A 272 -19.92 -5.69 -10.07
C LEU A 272 -18.51 -5.75 -9.49
N ARG A 273 -17.89 -4.59 -9.28
CA ARG A 273 -16.56 -4.55 -8.67
C ARG A 273 -16.61 -5.08 -7.24
N SER A 274 -17.64 -4.70 -6.48
CA SER A 274 -17.80 -5.24 -5.14
C SER A 274 -18.03 -6.75 -5.18
N LYS A 275 -18.74 -7.23 -6.21
CA LYS A 275 -18.97 -8.67 -6.34
C LYS A 275 -17.67 -9.42 -6.62
N THR A 276 -16.80 -8.86 -7.47
CA THR A 276 -15.54 -9.53 -7.79
C THR A 276 -14.47 -9.33 -6.73
N ALA A 277 -14.67 -8.39 -5.81
CA ALA A 277 -13.68 -8.14 -4.75
C ALA A 277 -13.46 -9.37 -3.89
N THR A 278 -14.52 -10.12 -3.58
CA THR A 278 -14.36 -11.29 -2.72
C THR A 278 -13.50 -12.37 -3.40
N PHE A 279 -13.73 -12.59 -4.71
CA PHE A 279 -12.90 -13.55 -5.43
C PHE A 279 -11.46 -13.09 -5.49
N THR A 280 -11.24 -11.79 -5.72
CA THR A 280 -9.88 -11.26 -5.74
C THR A 280 -9.19 -11.49 -4.39
N ASP A 281 -9.89 -11.20 -3.29
CA ASP A 281 -9.32 -11.38 -1.97
C ASP A 281 -9.02 -12.85 -1.68
N ALA A 282 -9.93 -13.74 -2.09
CA ALA A 282 -9.71 -15.16 -1.86
C ALA A 282 -8.48 -15.65 -2.63
N ARG A 283 -8.33 -15.23 -3.89
CA ARG A 283 -7.16 -15.61 -4.65
C ARG A 283 -5.88 -15.09 -4.01
N ILE A 284 -5.89 -13.83 -3.58
CA ILE A 284 -4.71 -13.25 -2.95
C ILE A 284 -4.35 -14.01 -1.68
N ARG A 285 -5.36 -14.32 -0.86
CA ARG A 285 -5.12 -15.02 0.40
C ARG A 285 -4.53 -16.41 0.15
N THR A 286 -5.15 -17.17 -0.75
CA THR A 286 -4.67 -18.54 -0.96
C THR A 286 -3.30 -18.55 -1.62
N MET A 287 -3.01 -17.58 -2.47
CA MET A 287 -1.70 -17.57 -3.12
C MET A 287 -0.62 -17.13 -2.13
N ASN A 288 -0.96 -16.21 -1.22
CA ASN A 288 -0.06 -15.92 -0.11
C ASN A 288 0.20 -17.16 0.72
N GLU A 289 -0.85 -17.95 0.99
CA GLU A 289 -0.68 -19.14 1.80
C GLU A 289 0.25 -20.16 1.13
N VAL A 290 0.06 -20.40 -0.17
CA VAL A 290 0.92 -21.36 -0.85
C VAL A 290 2.35 -20.83 -0.95
N ILE A 291 2.52 -19.52 -1.15
CA ILE A 291 3.87 -18.95 -1.19
C ILE A 291 4.56 -19.12 0.15
N THR A 292 3.84 -18.87 1.25
CA THR A 292 4.44 -19.01 2.58
C THR A 292 4.80 -20.47 2.86
N GLY A 293 3.87 -21.39 2.64
CA GLY A 293 4.14 -22.79 2.87
C GLY A 293 4.64 -23.50 1.63
N ILE A 294 5.63 -22.94 0.97
CA ILE A 294 6.04 -23.45 -0.33
C ILE A 294 6.99 -24.64 -0.22
N ARG A 295 7.83 -24.67 0.82
CA ARG A 295 8.73 -25.80 0.98
C ARG A 295 7.95 -27.08 1.29
N ILE A 296 6.96 -26.97 2.18
CA ILE A 296 6.15 -28.12 2.54
C ILE A 296 5.33 -28.59 1.35
N ILE A 297 4.71 -27.66 0.62
CA ILE A 297 3.87 -28.05 -0.52
C ILE A 297 4.73 -28.68 -1.62
N LYS A 298 5.98 -28.22 -1.76
CA LYS A 298 6.89 -28.84 -2.71
C LYS A 298 7.32 -30.23 -2.26
N MET A 299 7.45 -30.45 -0.96
CA MET A 299 7.86 -31.76 -0.47
C MET A 299 6.72 -32.77 -0.44
N TYR A 300 5.46 -32.32 -0.59
CA TYR A 300 4.31 -33.23 -0.60
C TYR A 300 3.73 -33.47 -1.98
N ALA A 301 4.21 -32.77 -3.01
CA ALA A 301 3.75 -32.97 -4.39
C ALA A 301 2.24 -32.77 -4.53
N TRP A 302 1.71 -31.76 -3.84
CA TRP A 302 0.32 -31.35 -4.01
C TRP A 302 0.19 -30.15 -4.92
N GLU A 303 1.29 -29.70 -5.54
CA GLU A 303 1.25 -28.52 -6.37
C GLU A 303 0.31 -28.67 -7.55
N LYS A 304 0.05 -29.90 -8.00
CA LYS A 304 -0.98 -30.10 -9.03
C LYS A 304 -2.35 -29.68 -8.52
N SER A 305 -2.72 -30.13 -7.32
CA SER A 305 -4.00 -29.76 -6.75
C SER A 305 -4.07 -28.25 -6.50
N PHE A 306 -2.99 -27.67 -5.98
CA PHE A 306 -2.99 -26.23 -5.73
C PHE A 306 -3.11 -25.45 -7.03
N SER A 307 -2.43 -25.88 -8.10
CA SER A 307 -2.56 -25.23 -9.39
C SER A 307 -3.98 -25.36 -9.93
N ASN A 308 -4.61 -26.52 -9.72
CA ASN A 308 -6.00 -26.69 -10.14
C ASN A 308 -6.92 -25.71 -9.42
N LEU A 309 -6.73 -25.57 -8.11
CA LEU A 309 -7.54 -24.62 -7.34
C LEU A 309 -7.31 -23.19 -7.80
N ILE A 310 -6.05 -22.82 -8.03
CA ILE A 310 -5.75 -21.46 -8.49
C ILE A 310 -6.36 -21.21 -9.86
N THR A 311 -6.30 -22.20 -10.75
CA THR A 311 -6.89 -22.04 -12.08
C THR A 311 -8.39 -21.87 -12.00
N ASN A 312 -9.06 -22.66 -11.16
CA ASN A 312 -10.50 -22.53 -11.01
C ASN A 312 -10.88 -21.15 -10.48
N LEU A 313 -10.18 -20.69 -9.44
CA LEU A 313 -10.46 -19.38 -8.89
C LEU A 313 -10.18 -18.27 -9.90
N ARG A 314 -9.11 -18.43 -10.68
CA ARG A 314 -8.77 -17.44 -11.69
C ARG A 314 -9.83 -17.35 -12.76
N LYS A 315 -10.37 -18.49 -13.20
CA LYS A 315 -11.43 -18.47 -14.19
C LYS A 315 -12.70 -17.81 -13.62
N LYS A 316 -13.04 -18.16 -12.38
CA LYS A 316 -14.21 -17.54 -11.76
C LYS A 316 -14.06 -16.03 -11.65
N GLU A 317 -12.84 -15.56 -11.36
CA GLU A 317 -12.59 -14.12 -11.30
C GLU A 317 -12.59 -13.48 -12.69
N ILE A 318 -12.04 -14.19 -13.68
CA ILE A 318 -11.89 -13.60 -15.02
C ILE A 318 -13.25 -13.42 -15.66
N SER A 319 -14.22 -14.28 -15.33
CA SER A 319 -15.57 -14.07 -15.85
C SER A 319 -16.14 -12.72 -15.41
N LYS A 320 -16.10 -12.45 -14.10
CA LYS A 320 -16.64 -11.21 -13.57
C LYS A 320 -15.87 -10.01 -14.10
N ILE A 321 -14.54 -10.11 -14.17
CA ILE A 321 -13.79 -8.94 -14.62
C ILE A 321 -13.97 -8.73 -16.13
N LEU A 322 -14.23 -9.80 -16.88
CA LEU A 322 -14.61 -9.63 -18.29
C LEU A 322 -15.92 -8.87 -18.40
N ARG A 323 -16.90 -9.20 -17.56
CA ARG A 323 -18.14 -8.44 -17.56
C ARG A 323 -17.90 -6.98 -17.24
N SER A 324 -17.06 -6.72 -16.22
CA SER A 324 -16.76 -5.34 -15.83
C SER A 324 -16.07 -4.59 -16.97
N SER A 325 -15.13 -5.24 -17.65
CA SER A 325 -14.43 -4.60 -18.76
C SER A 325 -15.38 -4.32 -19.92
N CYS A 326 -16.31 -5.24 -20.19
CA CYS A 326 -17.30 -5.00 -21.24
C CYS A 326 -18.16 -3.79 -20.91
N LEU A 327 -18.61 -3.68 -19.66
CA LEU A 327 -19.41 -2.51 -19.28
C LEU A 327 -18.61 -1.23 -19.38
N ARG A 328 -17.35 -1.25 -18.94
CA ARG A 328 -16.49 -0.07 -19.05
C ARG A 328 -16.33 0.35 -20.51
N GLY A 329 -16.10 -0.62 -21.40
CA GLY A 329 -15.95 -0.30 -22.81
C GLY A 329 -17.22 0.24 -23.43
N MET A 330 -18.37 -0.32 -23.06
CA MET A 330 -19.64 0.21 -23.54
C MET A 330 -19.82 1.66 -23.10
N ASN A 331 -19.49 1.96 -21.83
CA ASN A 331 -19.61 3.33 -21.35
C ASN A 331 -18.70 4.27 -22.14
N LEU A 332 -17.46 3.85 -22.38
CA LEU A 332 -16.52 4.70 -23.11
C LEU A 332 -16.98 4.94 -24.54
N ALA A 333 -17.48 3.90 -25.20
CA ALA A 333 -17.95 4.07 -26.58
C ALA A 333 -19.19 4.96 -26.65
N SER A 334 -20.09 4.83 -25.67
CA SER A 334 -21.24 5.72 -25.62
C SER A 334 -20.80 7.16 -25.43
N PHE A 335 -19.79 7.38 -24.59
CA PHE A 335 -19.19 8.70 -24.48
C PHE A 335 -18.65 9.19 -25.82
N PHE A 336 -17.98 8.30 -26.55
CA PHE A 336 -17.41 8.69 -27.84
C PHE A 336 -18.49 9.12 -28.82
N SER A 337 -19.62 8.41 -28.84
CA SER A 337 -20.67 8.66 -29.82
C SER A 337 -21.76 9.62 -29.36
N ALA A 338 -21.68 10.12 -28.12
CA ALA A 338 -22.74 10.98 -27.59
C ALA A 338 -22.91 12.25 -28.42
N SER A 339 -21.80 12.92 -28.77
CA SER A 339 -21.90 14.17 -29.51
C SER A 339 -22.51 13.94 -30.89
N LYS A 340 -22.08 12.87 -31.57
CA LYS A 340 -22.65 12.56 -32.88
C LYS A 340 -24.13 12.26 -32.79
N ILE A 341 -24.54 11.50 -31.77
CA ILE A 341 -25.96 11.21 -31.60
C ILE A 341 -26.74 12.50 -31.39
N ILE A 342 -26.23 13.39 -30.53
CA ILE A 342 -26.92 14.63 -30.22
C ILE A 342 -27.09 15.47 -31.48
N VAL A 343 -25.99 15.66 -32.22
CA VAL A 343 -26.06 16.51 -33.40
C VAL A 343 -26.95 15.88 -34.47
N PHE A 344 -26.94 14.55 -34.58
CA PHE A 344 -27.79 13.88 -35.55
C PHE A 344 -29.26 14.10 -35.24
N VAL A 345 -29.64 13.93 -33.97
CA VAL A 345 -31.04 14.16 -33.59
C VAL A 345 -31.43 15.61 -33.83
N THR A 346 -30.56 16.54 -33.40
CA THR A 346 -30.85 17.96 -33.59
C THR A 346 -31.08 18.29 -35.05
N PHE A 347 -30.19 17.84 -35.93
CA PHE A 347 -30.29 18.21 -37.33
C PHE A 347 -31.40 17.46 -38.04
N THR A 348 -31.72 16.24 -37.61
CA THR A 348 -32.87 15.55 -38.15
C THR A 348 -34.14 16.33 -37.86
N THR A 349 -34.30 16.80 -36.61
CA THR A 349 -35.45 17.63 -36.29
C THR A 349 -35.42 18.93 -37.09
N TYR A 350 -34.23 19.52 -37.23
CA TYR A 350 -34.08 20.78 -37.95
C TYR A 350 -34.56 20.65 -39.40
N VAL A 351 -34.14 19.57 -40.07
CA VAL A 351 -34.50 19.40 -41.48
C VAL A 351 -35.95 18.97 -41.63
N LEU A 352 -36.46 18.12 -40.73
CA LEU A 352 -37.83 17.66 -40.87
C LEU A 352 -38.84 18.75 -40.53
N LEU A 353 -38.45 19.72 -39.70
CA LEU A 353 -39.37 20.80 -39.39
C LEU A 353 -39.70 21.64 -40.62
N GLY A 354 -38.86 21.60 -41.65
CA GLY A 354 -39.07 22.39 -42.85
C GLY A 354 -38.04 23.47 -43.10
N SER A 355 -37.00 23.57 -42.27
CA SER A 355 -36.00 24.61 -42.42
C SER A 355 -35.01 24.24 -43.52
N VAL A 356 -33.95 25.03 -43.66
CA VAL A 356 -32.92 24.83 -44.67
C VAL A 356 -31.57 24.84 -43.97
N ILE A 357 -30.58 24.22 -44.61
CA ILE A 357 -29.27 24.01 -44.02
C ILE A 357 -28.26 24.93 -44.72
N THR A 358 -27.64 25.80 -43.95
CA THR A 358 -26.53 26.63 -44.40
C THR A 358 -25.25 26.12 -43.74
N ALA A 359 -24.14 26.84 -43.98
CA ALA A 359 -22.84 26.41 -43.48
C ALA A 359 -22.43 27.11 -42.20
N SER A 360 -23.26 27.98 -41.64
CA SER A 360 -22.93 28.69 -40.41
C SER A 360 -23.58 28.08 -39.19
N ARG A 361 -24.92 28.00 -39.19
CA ARG A 361 -25.65 27.49 -38.05
C ARG A 361 -25.22 26.06 -37.73
N VAL A 362 -24.85 25.29 -38.76
CA VAL A 362 -24.43 23.91 -38.56
C VAL A 362 -23.25 23.84 -37.59
N PHE A 363 -22.19 24.57 -37.91
CA PHE A 363 -20.98 24.48 -37.09
C PHE A 363 -21.12 25.27 -35.79
N VAL A 364 -21.95 26.31 -35.77
CA VAL A 364 -22.27 26.97 -34.51
C VAL A 364 -22.89 25.97 -33.54
N ALA A 365 -23.89 25.23 -34.00
CA ALA A 365 -24.55 24.24 -33.16
C ALA A 365 -23.59 23.13 -32.76
N VAL A 366 -22.74 22.69 -33.70
CA VAL A 366 -21.80 21.61 -33.39
C VAL A 366 -20.84 22.05 -32.28
N THR A 367 -20.27 23.25 -32.41
CA THR A 367 -19.33 23.72 -31.39
C THR A 367 -20.01 23.94 -30.05
N LEU A 368 -21.22 24.52 -30.08
CA LEU A 368 -21.94 24.74 -28.82
C LEU A 368 -22.26 23.42 -28.13
N TYR A 369 -22.67 22.40 -28.90
CA TYR A 369 -22.87 21.08 -28.33
C TYR A 369 -21.60 20.51 -27.74
N GLY A 370 -20.48 20.66 -28.44
CA GLY A 370 -19.22 20.17 -27.89
C GLY A 370 -18.92 20.78 -26.54
N ALA A 371 -19.03 22.11 -26.45
CA ALA A 371 -18.73 22.79 -25.19
C ALA A 371 -19.69 22.39 -24.08
N VAL A 372 -21.00 22.43 -24.37
CA VAL A 372 -21.98 22.18 -23.32
C VAL A 372 -21.92 20.71 -22.88
N ARG A 373 -21.70 19.79 -23.81
CA ARG A 373 -21.59 18.38 -23.45
C ARG A 373 -20.36 18.16 -22.57
N LEU A 374 -19.23 18.76 -22.94
CA LEU A 374 -18.04 18.62 -22.11
C LEU A 374 -18.29 19.10 -20.69
N THR A 375 -18.89 20.30 -20.56
CA THR A 375 -19.13 20.85 -19.22
C THR A 375 -20.11 19.98 -18.44
N VAL A 376 -21.24 19.61 -19.06
CA VAL A 376 -22.28 18.92 -18.33
C VAL A 376 -21.84 17.51 -17.92
N THR A 377 -21.11 16.81 -18.78
CA THR A 377 -20.79 15.41 -18.51
C THR A 377 -19.48 15.23 -17.75
N LEU A 378 -18.46 16.06 -17.99
CA LEU A 378 -17.15 15.83 -17.41
C LEU A 378 -16.88 16.61 -16.14
N PHE A 379 -17.67 17.65 -15.84
CA PHE A 379 -17.37 18.51 -14.72
C PHE A 379 -18.45 18.49 -13.66
N PHE A 380 -19.72 18.59 -14.04
CA PHE A 380 -20.79 18.66 -13.05
C PHE A 380 -20.91 17.41 -12.18
N PRO A 381 -20.96 16.19 -12.73
CA PRO A 381 -21.09 15.02 -11.84
C PRO A 381 -19.85 14.77 -11.01
N SER A 382 -18.67 14.96 -11.59
CA SER A 382 -17.44 14.83 -10.81
C SER A 382 -17.41 15.84 -9.67
N ALA A 383 -17.84 17.07 -9.95
CA ALA A 383 -17.89 18.10 -8.92
C ALA A 383 -18.86 17.72 -7.82
N ILE A 384 -20.04 17.24 -8.17
CA ILE A 384 -21.03 16.91 -7.15
C ILE A 384 -20.55 15.74 -6.29
N GLU A 385 -19.93 14.74 -6.91
CA GLU A 385 -19.48 13.59 -6.12
C GLU A 385 -18.28 13.94 -5.26
N ARG A 386 -17.38 14.81 -5.75
CA ARG A 386 -16.27 15.23 -4.93
C ARG A 386 -16.72 16.13 -3.78
N VAL A 387 -17.73 16.98 -4.00
CA VAL A 387 -18.28 17.76 -2.91
C VAL A 387 -18.92 16.86 -1.86
N SER A 388 -19.65 15.83 -2.30
CA SER A 388 -20.24 14.90 -1.34
C SER A 388 -19.16 14.18 -0.54
N GLU A 389 -18.10 13.74 -1.22
CA GLU A 389 -17.01 13.06 -0.51
C GLU A 389 -16.32 14.01 0.47
N ALA A 390 -16.14 15.28 0.09
CA ALA A 390 -15.53 16.25 0.99
C ALA A 390 -16.41 16.53 2.20
N ILE A 391 -17.74 16.57 2.01
CA ILE A 391 -18.63 16.75 3.15
C ILE A 391 -18.53 15.56 4.09
N VAL A 392 -18.47 14.35 3.54
CA VAL A 392 -18.27 13.17 4.38
C VAL A 392 -16.96 13.27 5.13
N SER A 393 -15.90 13.74 4.46
CA SER A 393 -14.59 13.89 5.09
C SER A 393 -14.66 14.88 6.25
N ILE A 394 -15.32 16.02 6.04
CA ILE A 394 -15.42 17.03 7.09
C ILE A 394 -16.26 16.50 8.26
N ARG A 395 -17.31 15.73 7.96
CA ARG A 395 -18.12 15.15 9.02
C ARG A 395 -17.29 14.20 9.88
N ARG A 396 -16.51 13.32 9.24
CA ARG A 396 -15.65 12.42 10.01
C ARG A 396 -14.60 13.18 10.80
N ILE A 397 -14.02 14.22 10.20
CA ILE A 397 -12.97 14.98 10.87
C ILE A 397 -13.54 15.68 12.10
N GLN A 398 -14.71 16.31 11.98
CA GLN A 398 -15.30 16.96 13.15
C GLN A 398 -15.75 15.94 14.19
N THR A 399 -16.19 14.75 13.75
CA THR A 399 -16.52 13.70 14.71
C THR A 399 -15.29 13.33 15.55
N PHE A 400 -14.14 13.22 14.90
CA PHE A 400 -12.91 12.99 15.66
C PHE A 400 -12.55 14.20 16.53
N LEU A 401 -12.78 15.41 16.00
CA LEU A 401 -12.28 16.61 16.66
C LEU A 401 -13.06 16.94 17.92
N LEU A 402 -14.35 16.59 17.97
CA LEU A 402 -15.16 16.85 19.16
C LEU A 402 -14.90 15.86 20.30
N LEU A 403 -13.83 15.06 20.22
CA LEU A 403 -13.51 14.15 21.31
C LEU A 403 -13.03 14.93 22.53
N ASP A 404 -13.17 14.30 23.69
CA ASP A 404 -12.84 14.96 24.95
C ASP A 404 -11.34 15.19 25.08
N GLU A 405 -10.98 16.17 25.91
CA GLU A 405 -9.61 16.61 26.09
C GLU A 405 -9.21 16.48 27.56
N ILE A 406 -7.93 16.17 27.78
CA ILE A 406 -7.42 16.09 29.14
C ILE A 406 -7.52 17.44 29.82
N SER A 407 -8.10 17.46 31.02
CA SER A 407 -8.21 18.70 31.78
C SER A 407 -6.82 19.23 32.12
N GLN A 408 -6.64 20.54 31.93
CA GLN A 408 -5.35 21.16 32.23
C GLN A 408 -5.08 21.10 33.73
N ARG A 409 -3.80 20.96 34.07
CA ARG A 409 -3.36 20.90 35.46
C ARG A 409 -2.35 22.01 35.73
N ASN A 410 -2.63 22.81 36.75
CA ASN A 410 -1.73 23.84 37.26
C ASN A 410 -1.11 24.71 36.16
N ARG A 411 -1.87 24.97 35.09
CA ARG A 411 -1.44 25.83 33.97
C ARG A 411 -0.05 25.37 33.52
N GLN A 412 0.93 26.27 33.40
CA GLN A 412 2.28 25.88 33.03
C GLN A 412 3.18 25.69 34.24
N LEU A 413 3.40 26.76 35.02
CA LEU A 413 4.23 26.68 36.22
C LEU A 413 4.04 27.90 37.11
N PRO A 414 2.93 28.00 37.85
CA PRO A 414 2.75 29.13 38.76
C PRO A 414 3.31 28.86 40.15
N SER A 415 3.56 27.59 40.46
CA SER A 415 4.02 27.21 41.79
C SER A 415 5.43 27.76 42.05
N ASP A 416 5.70 28.04 43.32
CA ASP A 416 7.01 28.55 43.74
C ASP A 416 7.95 27.39 44.05
N GLY A 417 8.11 26.51 43.06
CA GLY A 417 8.95 25.34 43.21
C GLY A 417 8.24 24.21 43.93
N LYS A 418 8.12 24.31 45.25
CA LYS A 418 7.40 23.35 46.08
C LYS A 418 7.87 21.92 45.80
N LYS A 419 9.15 21.68 46.09
CA LYS A 419 9.75 20.37 45.81
C LYS A 419 9.24 19.34 46.81
N MET A 420 7.97 18.95 46.66
CA MET A 420 7.32 18.00 47.53
C MET A 420 6.40 17.14 46.69
N VAL A 421 6.26 15.86 47.06
CA VAL A 421 5.24 15.01 46.45
C VAL A 421 4.38 14.43 47.56
N HIS A 422 3.06 14.57 47.44
CA HIS A 422 2.15 14.07 48.46
C HIS A 422 0.89 13.51 47.82
N VAL A 423 0.36 12.44 48.41
CA VAL A 423 -0.87 11.81 47.96
C VAL A 423 -1.65 11.38 49.19
N GLN A 424 -2.91 11.80 49.28
CA GLN A 424 -3.73 11.52 50.45
C GLN A 424 -5.13 11.09 50.03
N ASP A 425 -5.58 9.95 50.55
CA ASP A 425 -6.95 9.46 50.35
C ASP A 425 -7.27 9.30 48.87
N PHE A 426 -6.29 8.82 48.10
CA PHE A 426 -6.41 8.75 46.65
C PHE A 426 -7.18 7.51 46.24
N THR A 427 -8.26 7.71 45.50
CA THR A 427 -9.03 6.61 44.90
C THR A 427 -9.42 7.06 43.50
N ALA A 428 -8.89 6.41 42.48
CA ALA A 428 -9.10 6.79 41.10
C ALA A 428 -9.62 5.60 40.29
N PHE A 429 -10.42 5.91 39.27
CA PHE A 429 -11.01 4.91 38.40
C PHE A 429 -10.38 5.01 37.02
N TRP A 430 -9.92 3.88 36.49
CA TRP A 430 -9.59 3.84 35.06
C TRP A 430 -10.84 4.03 34.23
N ASP A 431 -11.95 3.41 34.64
CA ASP A 431 -13.26 3.62 34.05
C ASP A 431 -14.27 3.79 35.17
N LYS A 432 -15.20 4.74 34.98
CA LYS A 432 -16.20 5.01 36.01
C LYS A 432 -17.27 3.93 36.07
N ALA A 433 -17.44 3.15 35.01
CA ALA A 433 -18.46 2.11 34.99
C ALA A 433 -18.08 0.90 35.83
N SER A 434 -16.79 0.67 36.05
CA SER A 434 -16.36 -0.50 36.81
C SER A 434 -16.75 -0.36 38.29
N GLU A 435 -16.85 -1.51 38.96
CA GLU A 435 -17.24 -1.55 40.36
C GLU A 435 -16.05 -1.54 41.31
N THR A 436 -14.88 -2.00 40.86
CA THR A 436 -13.70 -2.09 41.71
C THR A 436 -12.72 -0.99 41.37
N PRO A 437 -12.46 -0.04 42.28
CA PRO A 437 -11.41 0.95 42.03
C PRO A 437 -10.06 0.27 41.83
N THR A 438 -9.30 0.77 40.86
CA THR A 438 -7.99 0.19 40.57
C THR A 438 -7.04 0.37 41.74
N LEU A 439 -7.05 1.55 42.37
CA LEU A 439 -6.24 1.83 43.53
C LEU A 439 -7.12 2.45 44.62
N GLN A 440 -6.89 2.05 45.87
CA GLN A 440 -7.76 2.39 46.98
C GLN A 440 -6.98 3.16 48.04
N GLY A 441 -7.40 4.38 48.34
CA GLY A 441 -6.97 5.11 49.51
C GLY A 441 -5.47 5.30 49.66
N LEU A 442 -4.80 5.70 48.59
CA LEU A 442 -3.35 5.89 48.65
C LEU A 442 -2.98 7.00 49.62
N SER A 443 -1.94 6.77 50.41
CA SER A 443 -1.48 7.77 51.37
C SER A 443 0.03 7.65 51.50
N PHE A 444 0.75 8.57 50.87
CA PHE A 444 2.21 8.56 50.94
C PHE A 444 2.76 9.91 50.49
N THR A 445 3.89 10.30 51.09
CA THR A 445 4.59 11.51 50.71
C THR A 445 6.07 11.20 50.53
N VAL A 446 6.70 11.92 49.60
CA VAL A 446 8.12 11.73 49.31
C VAL A 446 8.77 13.09 49.07
N ARG A 447 10.03 13.16 49.48
CA ARG A 447 10.91 14.31 49.55
C ARG A 447 12.11 14.10 48.64
N PRO A 448 12.76 15.18 48.20
CA PRO A 448 14.04 15.01 47.48
C PRO A 448 15.06 14.26 48.33
N GLY A 449 15.86 13.44 47.66
CA GLY A 449 16.86 12.64 48.35
C GLY A 449 16.35 11.36 48.96
N GLU A 450 15.14 10.94 48.64
CA GLU A 450 14.55 9.71 49.17
C GLU A 450 14.39 8.69 48.05
N LEU A 451 14.90 7.48 48.27
CA LEU A 451 14.84 6.42 47.27
C LEU A 451 13.62 5.53 47.54
N LEU A 452 12.45 6.11 47.32
CA LEU A 452 11.19 5.39 47.52
C LEU A 452 10.99 4.35 46.43
N ALA A 453 10.39 3.23 46.80
CA ALA A 453 10.13 2.14 45.88
C ALA A 453 8.81 1.47 46.24
N VAL A 454 8.23 0.80 45.24
CA VAL A 454 6.98 0.08 45.41
C VAL A 454 7.12 -1.30 44.75
N VAL A 455 6.65 -2.33 45.44
CA VAL A 455 6.73 -3.71 44.97
C VAL A 455 5.37 -4.36 45.16
N GLY A 456 4.90 -5.06 44.13
CA GLY A 456 3.63 -5.76 44.20
C GLY A 456 3.49 -6.79 43.10
N PRO A 457 2.37 -7.52 43.10
CA PRO A 457 2.14 -8.50 42.04
C PRO A 457 1.95 -7.84 40.69
N VAL A 458 2.24 -8.60 39.63
CA VAL A 458 2.12 -8.07 38.28
C VAL A 458 0.67 -7.73 37.99
N GLY A 459 0.44 -6.53 37.46
CA GLY A 459 -0.91 -6.09 37.16
C GLY A 459 -1.70 -5.55 38.32
N ALA A 460 -1.05 -5.28 39.45
CA ALA A 460 -1.74 -4.79 40.63
C ALA A 460 -1.97 -3.28 40.60
N GLY A 461 -1.47 -2.57 39.60
CA GLY A 461 -1.64 -1.15 39.50
C GLY A 461 -0.42 -0.30 39.82
N LYS A 462 0.76 -0.92 39.92
CA LYS A 462 1.97 -0.14 40.13
C LYS A 462 2.22 0.82 38.97
N SER A 463 2.07 0.34 37.74
CA SER A 463 2.09 1.25 36.59
C SER A 463 0.91 2.20 36.64
N SER A 464 -0.25 1.73 37.09
CA SER A 464 -1.40 2.62 37.28
C SER A 464 -1.10 3.68 38.33
N LEU A 465 -0.43 3.30 39.42
CA LEU A 465 -0.01 4.29 40.41
C LEU A 465 0.95 5.30 39.80
N LEU A 466 1.89 4.82 38.98
CA LEU A 466 2.84 5.70 38.34
C LEU A 466 2.14 6.72 37.44
N SER A 467 1.21 6.24 36.61
CA SER A 467 0.46 7.12 35.72
C SER A 467 -0.44 8.08 36.51
N ALA A 468 -1.02 7.62 37.61
CA ALA A 468 -1.83 8.49 38.45
C ALA A 468 -0.98 9.62 39.04
N VAL A 469 0.25 9.31 39.42
CA VAL A 469 1.19 10.36 39.82
C VAL A 469 1.47 11.28 38.64
N LEU A 470 1.54 10.71 37.43
CA LEU A 470 1.74 11.54 36.23
C LEU A 470 0.57 12.47 35.96
N GLY A 471 -0.58 12.25 36.59
CA GLY A 471 -1.73 13.11 36.43
C GLY A 471 -2.69 12.71 35.34
N GLU A 472 -2.36 11.70 34.53
CA GLU A 472 -3.26 11.25 33.48
C GLU A 472 -4.49 10.53 34.01
N LEU A 473 -4.50 10.15 35.29
CA LEU A 473 -5.65 9.49 35.90
C LEU A 473 -6.40 10.50 36.77
N ALA A 474 -7.70 10.63 36.51
CA ALA A 474 -8.50 11.62 37.22
C ALA A 474 -8.69 11.21 38.67
N PRO A 475 -8.35 12.08 39.64
CA PRO A 475 -8.57 11.74 41.05
C PRO A 475 -10.03 11.84 41.44
N SER A 476 -10.69 10.70 41.63
CA SER A 476 -12.09 10.71 42.04
C SER A 476 -12.24 11.19 43.48
N HIS A 477 -11.28 10.85 44.33
CA HIS A 477 -11.32 11.24 45.73
C HIS A 477 -9.90 11.56 46.21
N GLY A 478 -9.82 12.35 47.27
CA GLY A 478 -8.55 12.68 47.86
C GLY A 478 -7.82 13.82 47.17
N LEU A 479 -6.57 13.99 47.56
CA LEU A 479 -5.73 15.08 47.05
C LEU A 479 -4.39 14.54 46.60
N VAL A 480 -3.86 15.15 45.54
CA VAL A 480 -2.53 14.85 45.02
C VAL A 480 -1.81 16.17 44.77
N SER A 481 -0.55 16.24 45.19
CA SER A 481 0.24 17.46 45.06
C SER A 481 1.64 17.07 44.59
N VAL A 482 1.92 17.33 43.30
CA VAL A 482 3.24 17.16 42.72
C VAL A 482 3.57 18.44 41.97
N HIS A 483 4.78 18.96 42.18
CA HIS A 483 5.17 20.25 41.61
C HIS A 483 6.51 20.13 40.91
N GLY A 484 6.67 20.94 39.87
CA GLY A 484 7.89 20.93 39.06
C GLY A 484 7.79 20.01 37.86
N ARG A 485 8.60 20.30 36.85
CA ARG A 485 8.65 19.44 35.67
C ARG A 485 9.17 18.05 36.05
N ILE A 486 8.64 17.04 35.38
CA ILE A 486 8.78 15.65 35.77
C ILE A 486 9.39 14.85 34.64
N ALA A 487 10.32 13.96 35.00
CA ALA A 487 10.88 12.99 34.06
C ALA A 487 10.33 11.60 34.38
N TYR A 488 9.82 10.92 33.35
CA TYR A 488 9.17 9.64 33.54
C TYR A 488 9.54 8.70 32.39
N VAL A 489 9.63 7.41 32.70
CA VAL A 489 9.95 6.38 31.72
C VAL A 489 8.82 5.37 31.70
N SER A 490 8.27 5.11 30.52
CA SER A 490 7.21 4.14 30.36
C SER A 490 7.76 2.71 30.41
N GLN A 491 6.88 1.78 30.77
CA GLN A 491 7.29 0.37 30.78
C GLN A 491 7.65 -0.11 29.38
N GLN A 492 6.82 0.22 28.40
CA GLN A 492 7.13 -0.12 27.01
C GLN A 492 8.09 0.92 26.44
N PRO A 493 9.27 0.53 25.97
CA PRO A 493 10.21 1.51 25.43
C PRO A 493 9.63 2.24 24.22
N TRP A 494 9.95 3.53 24.12
CA TRP A 494 9.48 4.35 23.01
C TRP A 494 10.63 5.22 22.52
N VAL A 495 10.92 5.13 21.23
CA VAL A 495 11.92 5.98 20.58
C VAL A 495 11.33 6.47 19.27
N PHE A 496 11.25 7.78 19.10
CA PHE A 496 10.74 8.35 17.85
C PHE A 496 11.80 8.25 16.76
N SER A 497 11.34 8.01 15.54
CA SER A 497 12.25 7.78 14.42
C SER A 497 13.13 9.00 14.17
N GLY A 498 14.41 8.77 13.95
CA GLY A 498 15.37 9.83 13.73
C GLY A 498 16.75 9.39 14.17
N THR A 499 17.64 10.37 14.33
CA THR A 499 18.99 10.10 14.81
C THR A 499 18.96 9.82 16.30
N LEU A 500 19.83 8.89 16.73
CA LEU A 500 19.86 8.49 18.14
C LEU A 500 20.26 9.66 19.02
N ARG A 501 21.17 10.52 18.54
CA ARG A 501 21.55 11.70 19.31
C ARG A 501 20.35 12.60 19.55
N SER A 502 19.49 12.78 18.53
CA SER A 502 18.28 13.58 18.71
C SER A 502 17.36 12.94 19.74
N ASN A 503 17.23 11.60 19.71
CA ASN A 503 16.37 10.92 20.68
C ASN A 503 16.88 11.12 22.10
N ILE A 504 18.19 11.03 22.30
CA ILE A 504 18.75 11.27 23.62
C ILE A 504 18.57 12.72 24.04
N LEU A 505 18.82 13.65 23.12
CA LEU A 505 18.78 15.08 23.46
C LEU A 505 17.36 15.56 23.72
N PHE A 506 16.36 14.90 23.14
CA PHE A 506 14.94 15.22 23.32
C PHE A 506 14.58 16.61 22.78
N GLY A 507 15.53 17.31 22.18
CA GLY A 507 15.34 18.68 21.75
C GLY A 507 16.01 19.72 22.63
N LYS A 508 16.50 19.33 23.80
CA LYS A 508 17.25 20.24 24.65
C LYS A 508 18.60 20.54 24.02
N LYS A 509 19.18 21.69 24.41
CA LYS A 509 20.46 22.10 23.85
C LYS A 509 21.55 21.11 24.19
N TYR A 510 22.53 20.99 23.30
CA TYR A 510 23.57 19.97 23.43
C TYR A 510 24.68 20.46 24.34
N GLU A 511 25.09 19.60 25.28
CA GLU A 511 26.22 19.85 26.16
C GLU A 511 27.16 18.66 26.08
N LYS A 512 28.41 18.91 25.67
CA LYS A 512 29.34 17.83 25.40
C LYS A 512 29.70 17.06 26.67
N GLU A 513 30.01 17.78 27.75
CA GLU A 513 30.38 17.13 29.01
C GLU A 513 29.21 16.32 29.57
N ARG A 514 28.00 16.89 29.51
CA ARG A 514 26.83 16.15 29.99
C ARG A 514 26.58 14.90 29.16
N TYR A 515 26.74 15.00 27.83
CA TYR A 515 26.58 13.82 26.98
C TYR A 515 27.63 12.77 27.32
N GLU A 516 28.87 13.19 27.55
CA GLU A 516 29.92 12.23 27.91
C GLU A 516 29.61 11.54 29.23
N LYS A 517 29.16 12.30 30.22
CA LYS A 517 28.82 11.70 31.51
C LYS A 517 27.66 10.73 31.37
N VAL A 518 26.63 11.10 30.60
CA VAL A 518 25.48 10.21 30.41
C VAL A 518 25.90 8.95 29.68
N ILE A 519 26.70 9.09 28.61
CA ILE A 519 27.08 7.95 27.79
C ILE A 519 27.99 7.01 28.57
N LYS A 520 28.83 7.54 29.46
CA LYS A 520 29.66 6.68 30.29
C LYS A 520 28.86 6.06 31.43
N ALA A 521 27.80 6.73 31.90
CA ALA A 521 26.99 6.19 32.98
C ALA A 521 26.04 5.10 32.50
N CYS A 522 25.54 5.20 31.28
CA CYS A 522 24.54 4.26 30.76
C CYS A 522 25.15 3.08 30.03
N ALA A 523 26.48 3.00 29.92
CA ALA A 523 27.16 1.90 29.26
C ALA A 523 26.67 1.71 27.83
N LEU A 524 26.45 2.81 27.13
CA LEU A 524 25.99 2.78 25.75
C LEU A 524 27.12 2.81 24.74
N LYS A 525 28.38 2.79 25.20
CA LYS A 525 29.50 2.75 24.26
C LYS A 525 29.48 1.48 23.43
N LYS A 526 29.00 0.37 24.00
CA LYS A 526 28.87 -0.86 23.23
C LYS A 526 27.89 -0.68 22.07
N ASP A 527 26.74 -0.05 22.34
CA ASP A 527 25.80 0.23 21.25
C ASP A 527 26.39 1.20 20.24
N LEU A 528 27.13 2.20 20.72
CA LEU A 528 27.74 3.17 19.81
C LEU A 528 28.73 2.49 18.87
N GLN A 529 29.56 1.59 19.39
CA GLN A 529 30.54 0.91 18.56
C GLN A 529 29.90 -0.18 17.70
N LEU A 530 28.76 -0.74 18.14
CA LEU A 530 28.07 -1.71 17.29
C LEU A 530 27.39 -1.04 16.11
N LEU A 531 26.74 0.09 16.34
CA LEU A 531 26.06 0.81 15.26
C LEU A 531 27.07 1.53 14.38
N GLU A 532 26.76 1.58 13.08
CA GLU A 532 27.68 2.15 12.11
C GLU A 532 27.91 3.63 12.35
N ASP A 533 26.83 4.40 12.51
CA ASP A 533 26.94 5.83 12.69
C ASP A 533 27.11 6.24 14.16
N GLY A 534 27.05 5.28 15.08
CA GLY A 534 27.25 5.62 16.48
C GLY A 534 26.12 6.49 17.01
N ASP A 535 26.49 7.65 17.58
CA ASP A 535 25.51 8.53 18.19
C ASP A 535 24.52 9.11 17.18
N LEU A 536 24.89 9.16 15.90
CA LEU A 536 24.03 9.71 14.87
C LEU A 536 23.35 8.63 14.03
N THR A 537 23.19 7.43 14.59
CA THR A 537 22.55 6.34 13.86
C THR A 537 21.08 6.62 13.66
N VAL A 538 20.57 6.29 12.47
CA VAL A 538 19.18 6.52 12.12
C VAL A 538 18.36 5.30 12.54
N ILE A 539 17.26 5.54 13.23
CA ILE A 539 16.34 4.50 13.68
C ILE A 539 14.96 4.81 13.10
N GLY A 540 14.34 3.80 12.49
CA GLY A 540 13.03 3.94 11.89
C GLY A 540 11.90 3.70 12.86
N ASP A 541 10.76 3.29 12.31
CA ASP A 541 9.57 3.08 13.12
C ASP A 541 9.72 1.87 14.03
N ARG A 542 9.23 2.00 15.26
CA ARG A 542 9.15 0.91 16.23
C ARG A 542 10.52 0.33 16.58
N GLY A 543 11.60 1.08 16.32
CA GLY A 543 12.93 0.60 16.66
C GLY A 543 13.34 -0.68 15.95
N THR A 544 13.07 -0.76 14.64
CA THR A 544 13.43 -1.95 13.89
C THR A 544 14.93 -2.19 13.82
N THR A 545 15.74 -1.14 14.00
CA THR A 545 17.18 -1.25 13.92
C THR A 545 17.84 -1.49 15.27
N LEU A 546 17.07 -1.62 16.35
CA LEU A 546 17.62 -1.83 17.68
C LEU A 546 16.79 -2.88 18.40
N SER A 547 17.19 -3.19 19.63
CA SER A 547 16.55 -4.20 20.46
C SER A 547 15.88 -3.56 21.66
N GLY A 548 15.11 -4.37 22.39
CA GLY A 548 14.38 -3.87 23.54
C GLY A 548 15.29 -3.35 24.63
N GLY A 549 16.36 -4.07 24.94
CA GLY A 549 17.29 -3.60 25.95
C GLY A 549 17.96 -2.30 25.55
N GLN A 550 18.36 -2.18 24.28
CA GLN A 550 18.96 -0.95 23.80
C GLN A 550 17.96 0.22 23.90
N LYS A 551 16.70 -0.03 23.54
CA LYS A 551 15.68 1.01 23.63
C LYS A 551 15.46 1.44 25.08
N ALA A 552 15.43 0.47 26.00
CA ALA A 552 15.26 0.81 27.42
C ALA A 552 16.44 1.61 27.93
N ARG A 553 17.66 1.23 27.54
CA ARG A 553 18.84 2.01 27.93
C ARG A 553 18.78 3.41 27.35
N VAL A 554 18.31 3.55 26.11
CA VAL A 554 18.19 4.86 25.49
C VAL A 554 17.18 5.72 26.25
N ASN A 555 16.04 5.13 26.64
CA ASN A 555 15.05 5.88 27.41
C ASN A 555 15.61 6.30 28.75
N LEU A 556 16.34 5.42 29.42
CA LEU A 556 16.95 5.77 30.70
C LEU A 556 17.97 6.89 30.52
N ALA A 557 18.76 6.84 29.44
CA ALA A 557 19.72 7.90 29.18
C ALA A 557 19.03 9.23 28.94
N ARG A 558 17.95 9.23 28.18
CA ARG A 558 17.19 10.46 27.95
C ARG A 558 16.64 11.00 29.27
N ALA A 559 16.09 10.11 30.11
CA ALA A 559 15.53 10.54 31.38
C ALA A 559 16.59 11.16 32.28
N VAL A 560 17.75 10.52 32.38
CA VAL A 560 18.80 11.04 33.26
C VAL A 560 19.38 12.32 32.69
N TYR A 561 19.50 12.44 31.37
CA TYR A 561 20.00 13.67 30.78
C TYR A 561 19.01 14.82 30.97
N GLN A 562 17.72 14.52 31.03
CA GLN A 562 16.73 15.56 31.28
C GLN A 562 17.01 16.29 32.59
N ASP A 563 17.61 15.59 33.57
CA ASP A 563 18.07 16.19 34.83
C ASP A 563 16.91 16.86 35.57
N ALA A 564 15.92 16.05 35.92
CA ALA A 564 14.73 16.51 36.60
C ALA A 564 14.89 16.35 38.11
N ASP A 565 13.80 16.58 38.85
CA ASP A 565 13.77 16.39 40.30
C ASP A 565 13.00 15.15 40.72
N ILE A 566 11.82 14.92 40.13
CA ILE A 566 11.03 13.73 40.41
C ILE A 566 11.24 12.74 39.26
N TYR A 567 11.65 11.51 39.60
CA TYR A 567 11.98 10.49 38.63
C TYR A 567 11.07 9.30 38.80
N LEU A 568 10.42 8.89 37.72
CA LEU A 568 9.46 7.79 37.70
C LEU A 568 9.90 6.74 36.69
N LEU A 569 10.11 5.52 37.16
CA LEU A 569 10.57 4.43 36.31
C LEU A 569 9.60 3.26 36.44
N ASP A 570 9.27 2.63 35.31
CA ASP A 570 8.31 1.55 35.26
C ASP A 570 9.01 0.31 34.69
N ASP A 571 9.54 -0.51 35.59
CA ASP A 571 10.20 -1.77 35.24
C ASP A 571 11.25 -1.57 34.14
N PRO A 572 12.29 -0.77 34.39
CA PRO A 572 13.24 -0.46 33.32
C PRO A 572 14.31 -1.52 33.13
N LEU A 573 14.58 -2.32 34.17
CA LEU A 573 15.65 -3.29 34.15
C LEU A 573 15.15 -4.72 33.93
N SER A 574 13.89 -4.89 33.51
CA SER A 574 13.36 -6.23 33.34
C SER A 574 13.91 -6.92 32.09
N ALA A 575 14.05 -6.19 31.00
CA ALA A 575 14.42 -6.75 29.70
C ALA A 575 15.90 -6.60 29.39
N VAL A 576 16.75 -6.65 30.41
CA VAL A 576 18.20 -6.55 30.23
C VAL A 576 18.87 -7.64 31.05
N ASP A 577 20.18 -7.77 30.86
CA ASP A 577 20.97 -8.77 31.57
C ASP A 577 21.33 -8.24 32.96
N ALA A 578 22.23 -8.92 33.66
CA ALA A 578 22.55 -8.59 35.03
C ALA A 578 23.65 -7.53 35.15
N GLU A 579 24.70 -7.65 34.33
CA GLU A 579 25.82 -6.72 34.44
C GLU A 579 25.41 -5.29 34.12
N VAL A 580 24.72 -5.10 33.00
CA VAL A 580 24.29 -3.75 32.62
C VAL A 580 23.31 -3.21 33.64
N SER A 581 22.44 -4.07 34.17
CA SER A 581 21.45 -3.62 35.15
C SER A 581 22.14 -3.15 36.43
N ARG A 582 23.08 -3.93 36.95
CA ARG A 582 23.76 -3.54 38.18
C ARG A 582 24.60 -2.28 37.96
N HIS A 583 25.30 -2.20 36.82
CA HIS A 583 26.09 -1.00 36.54
C HIS A 583 25.21 0.23 36.46
N LEU A 584 24.10 0.14 35.71
CA LEU A 584 23.18 1.26 35.60
C LEU A 584 22.65 1.67 36.96
N PHE A 585 22.11 0.71 37.72
CA PHE A 585 21.52 1.05 39.01
C PHE A 585 22.54 1.71 39.93
N GLU A 586 23.68 1.05 40.14
CA GLU A 586 24.68 1.59 41.05
C GLU A 586 25.16 2.96 40.59
N LEU A 587 25.83 3.01 39.43
CA LEU A 587 26.49 4.24 39.00
C LEU A 587 25.52 5.22 38.31
N CYS A 588 24.22 5.06 38.50
CA CYS A 588 23.27 6.09 38.08
C CYS A 588 22.29 6.49 39.18
N ILE A 589 22.19 5.75 40.28
CA ILE A 589 21.33 6.11 41.40
C ILE A 589 22.11 6.25 42.69
N CYS A 590 22.92 5.24 43.05
CA CYS A 590 23.51 5.21 44.37
C CYS A 590 24.46 6.37 44.62
N GLN A 591 25.00 6.98 43.57
CA GLN A 591 25.89 8.12 43.70
C GLN A 591 25.35 9.39 43.05
N ILE A 592 24.18 9.33 42.41
CA ILE A 592 23.63 10.45 41.65
C ILE A 592 22.23 10.83 42.13
N LEU A 593 21.34 9.86 42.19
CA LEU A 593 19.93 10.10 42.46
C LEU A 593 19.61 10.15 43.95
N HIS A 594 20.61 10.05 44.82
CA HIS A 594 20.40 10.15 46.26
C HIS A 594 20.08 11.57 46.72
N GLU A 595 19.89 12.52 45.81
CA GLU A 595 19.57 13.90 46.15
C GLU A 595 18.23 14.38 45.63
N LYS A 596 17.63 13.70 44.65
CA LYS A 596 16.39 14.11 44.03
C LYS A 596 15.26 13.16 44.43
N ILE A 597 14.05 13.49 44.00
CA ILE A 597 12.89 12.65 44.24
C ILE A 597 12.95 11.47 43.28
N THR A 598 12.89 10.25 43.83
CA THR A 598 12.99 9.03 43.03
C THR A 598 11.88 8.07 43.44
N ILE A 599 11.02 7.74 42.48
CA ILE A 599 9.99 6.71 42.66
C ILE A 599 10.25 5.64 41.61
N LEU A 600 10.52 4.42 42.06
CA LEU A 600 10.91 3.33 41.17
C LEU A 600 10.11 2.08 41.52
N VAL A 601 9.75 1.32 40.49
CA VAL A 601 9.11 0.02 40.65
C VAL A 601 9.94 -1.02 39.93
N THR A 602 10.15 -2.15 40.59
CA THR A 602 10.99 -3.21 40.04
C THR A 602 10.39 -4.57 40.37
N HIS A 603 10.56 -5.51 39.43
CA HIS A 603 10.23 -6.90 39.66
C HIS A 603 11.44 -7.72 40.10
N GLN A 604 12.59 -7.08 40.27
CA GLN A 604 13.80 -7.72 40.76
C GLN A 604 14.00 -7.33 42.22
N LEU A 605 14.13 -8.34 43.08
CA LEU A 605 14.19 -8.11 44.52
C LEU A 605 15.61 -7.84 45.02
N GLN A 606 16.63 -8.00 44.16
CA GLN A 606 18.00 -7.83 44.61
C GLN A 606 18.32 -6.38 44.96
N TYR A 607 17.70 -5.43 44.28
CA TYR A 607 18.03 -4.02 44.46
C TYR A 607 17.32 -3.39 45.64
N LEU A 608 16.39 -4.11 46.28
CA LEU A 608 15.62 -3.56 47.39
C LEU A 608 16.46 -3.28 48.62
N LYS A 609 17.67 -3.84 48.69
CA LYS A 609 18.53 -3.61 49.85
C LYS A 609 18.92 -2.13 49.96
N ALA A 610 19.22 -1.49 48.83
CA ALA A 610 19.63 -0.09 48.83
C ALA A 610 18.45 0.88 48.84
N ALA A 611 17.23 0.39 48.72
CA ALA A 611 16.07 1.26 48.69
C ALA A 611 15.84 1.88 50.07
N SER A 612 15.66 3.20 50.10
CA SER A 612 15.40 3.88 51.37
C SER A 612 14.00 3.54 51.89
N GLN A 613 13.02 3.47 51.00
CA GLN A 613 11.65 3.14 51.35
C GLN A 613 11.12 2.09 50.39
N ILE A 614 10.27 1.21 50.91
CA ILE A 614 9.66 0.14 50.14
C ILE A 614 8.20 0.03 50.55
N LEU A 615 7.33 -0.12 49.55
CA LEU A 615 5.89 -0.23 49.78
C LEU A 615 5.38 -1.51 49.12
N ILE A 616 4.46 -2.19 49.80
CA ILE A 616 3.83 -3.39 49.26
C ILE A 616 2.41 -3.02 48.85
N LEU A 617 2.13 -3.13 47.54
CA LEU A 617 0.83 -2.78 46.98
C LEU A 617 0.21 -3.98 46.31
N LYS A 618 -1.02 -4.30 46.69
CA LYS A 618 -1.79 -5.35 46.02
C LYS A 618 -3.27 -5.06 46.23
N ASP A 619 -4.07 -5.45 45.24
CA ASP A 619 -5.51 -5.20 45.24
C ASP A 619 -5.83 -3.71 45.36
N GLY A 620 -4.89 -2.86 44.92
CA GLY A 620 -5.09 -1.43 44.99
C GLY A 620 -4.96 -0.82 46.36
N LYS A 621 -4.48 -1.57 47.35
CA LYS A 621 -4.35 -1.08 48.71
C LYS A 621 -2.94 -1.37 49.23
N MET A 622 -2.45 -0.48 50.08
CA MET A 622 -1.14 -0.65 50.66
C MET A 622 -1.17 -1.76 51.71
N VAL A 623 -0.07 -2.50 51.82
CA VAL A 623 0.08 -3.56 52.81
C VAL A 623 1.06 -3.16 53.90
N GLN A 624 2.27 -2.77 53.52
CA GLN A 624 3.28 -2.35 54.48
C GLN A 624 4.27 -1.42 53.79
N LYS A 625 4.64 -0.35 54.48
CA LYS A 625 5.65 0.59 54.00
C LYS A 625 6.75 0.70 55.05
N GLY A 626 8.00 0.65 54.63
CA GLY A 626 9.09 0.76 55.57
C GLY A 626 10.43 0.51 54.93
N THR A 627 11.41 0.21 55.79
CA THR A 627 12.76 -0.06 55.33
C THR A 627 12.95 -1.57 55.10
N TYR A 628 14.02 -1.90 54.37
CA TYR A 628 14.27 -3.29 54.00
C TYR A 628 14.47 -4.16 55.23
N THR A 629 15.20 -3.65 56.23
CA THR A 629 15.36 -4.41 57.47
C THR A 629 14.04 -4.58 58.20
N GLU A 630 13.16 -3.58 58.14
CA GLU A 630 11.85 -3.71 58.76
C GLU A 630 11.02 -4.80 58.08
N PHE A 631 11.04 -4.85 56.74
CA PHE A 631 10.34 -5.92 56.04
C PHE A 631 10.95 -7.28 56.34
N LEU A 632 12.29 -7.34 56.43
CA LEU A 632 12.93 -8.62 56.76
C LEU A 632 12.52 -9.09 58.15
N LYS A 633 12.42 -8.17 59.10
CA LYS A 633 11.91 -8.52 60.42
C LYS A 633 10.44 -8.92 60.38
N SER A 634 9.67 -8.34 59.46
CA SER A 634 8.26 -8.69 59.34
C SER A 634 8.08 -10.15 58.91
N GLY A 635 9.02 -10.68 58.13
CA GLY A 635 8.97 -12.06 57.71
C GLY A 635 8.14 -12.35 56.48
N ILE A 636 7.66 -11.33 55.76
CA ILE A 636 6.89 -11.52 54.55
C ILE A 636 7.85 -11.75 53.38
N ASP A 637 7.61 -12.82 52.63
CA ASP A 637 8.50 -13.21 51.54
C ASP A 637 8.10 -12.48 50.27
N PHE A 638 8.99 -11.61 49.78
CA PHE A 638 8.73 -10.86 48.56
C PHE A 638 8.58 -11.79 47.36
N GLY A 639 9.44 -12.81 47.28
CA GLY A 639 9.32 -13.76 46.18
C GLY A 639 8.01 -14.52 46.21
N SER A 640 7.56 -14.91 47.40
CA SER A 640 6.26 -15.56 47.53
C SER A 640 5.14 -14.61 47.10
N LEU A 641 5.24 -13.34 47.46
CA LEU A 641 4.24 -12.37 47.05
C LEU A 641 4.23 -12.16 45.54
N LEU A 642 5.40 -12.26 44.90
CA LEU A 642 5.47 -12.05 43.46
C LEU A 642 4.66 -13.09 42.70
N LYS A 643 4.81 -14.36 43.08
CA LYS A 643 4.10 -15.44 42.41
C LYS A 643 2.63 -15.44 42.83
N LYS A 644 1.75 -15.58 41.84
CA LYS A 644 0.30 -15.61 42.10
C LYS A 644 -0.18 -17.01 42.40
N GLY A 708 10.25 0.29 -22.88
CA GLY A 708 10.80 0.06 -24.20
C GLY A 708 9.76 -0.33 -25.23
N PHE A 709 10.15 -1.18 -26.18
CA PHE A 709 9.26 -1.65 -27.24
C PHE A 709 9.00 -3.15 -27.19
N GLN A 710 10.01 -3.95 -26.79
CA GLN A 710 9.82 -5.39 -26.73
C GLN A 710 8.73 -5.76 -25.72
N ALA A 711 8.60 -4.98 -24.65
CA ALA A 711 7.50 -5.20 -23.71
C ALA A 711 6.16 -5.03 -24.40
N TYR A 712 6.00 -3.97 -25.19
CA TYR A 712 4.78 -3.77 -25.96
C TYR A 712 4.54 -4.93 -26.92
N LYS A 713 5.59 -5.36 -27.62
CA LYS A 713 5.45 -6.43 -28.61
C LYS A 713 4.98 -7.72 -27.95
N ASN A 714 5.63 -8.11 -26.86
CA ASN A 714 5.26 -9.35 -26.18
C ASN A 714 3.87 -9.24 -25.56
N TYR A 715 3.55 -8.08 -24.98
CA TYR A 715 2.23 -7.90 -24.35
C TYR A 715 1.12 -8.01 -25.39
N PHE A 716 1.32 -7.43 -26.57
CA PHE A 716 0.30 -7.52 -27.61
C PHE A 716 0.27 -8.89 -28.27
N ARG A 717 1.42 -9.57 -28.35
CA ARG A 717 1.42 -10.93 -28.91
C ARG A 717 0.72 -11.90 -27.98
N ALA A 718 0.84 -11.71 -26.66
CA ALA A 718 0.19 -12.60 -25.72
C ALA A 718 -1.33 -12.58 -25.84
N GLY A 719 -1.89 -11.53 -26.42
CA GLY A 719 -3.32 -11.45 -26.62
C GLY A 719 -3.83 -12.42 -27.68
N ALA A 720 -3.39 -12.22 -28.92
CA ALA A 720 -3.81 -13.06 -30.03
C ALA A 720 -2.80 -12.90 -31.16
N HIS A 721 -3.06 -13.59 -32.27
CA HIS A 721 -2.19 -13.49 -33.43
C HIS A 721 -2.34 -12.11 -34.08
N TRP A 722 -1.35 -11.75 -34.90
CA TRP A 722 -1.30 -10.41 -35.46
C TRP A 722 -2.48 -10.11 -36.39
N ILE A 723 -3.20 -11.13 -36.84
CA ILE A 723 -4.37 -10.90 -37.68
C ILE A 723 -5.42 -10.10 -36.93
N VAL A 724 -5.67 -10.46 -35.67
CA VAL A 724 -6.61 -9.70 -34.86
C VAL A 724 -6.10 -8.28 -34.62
N PHE A 725 -4.78 -8.12 -34.50
CA PHE A 725 -4.21 -6.79 -34.31
C PHE A 725 -4.47 -5.89 -35.53
N ILE A 726 -4.22 -6.42 -36.73
CA ILE A 726 -4.46 -5.61 -37.93
C ILE A 726 -5.95 -5.36 -38.13
N PHE A 727 -6.79 -6.34 -37.77
CA PHE A 727 -8.23 -6.10 -37.81
C PHE A 727 -8.64 -4.99 -36.86
N LEU A 728 -8.04 -4.97 -35.67
CA LEU A 728 -8.35 -3.93 -34.69
C LEU A 728 -7.92 -2.55 -35.18
N ILE A 729 -6.73 -2.46 -35.80
CA ILE A 729 -6.28 -1.16 -36.27
C ILE A 729 -7.15 -0.70 -37.44
N LEU A 730 -7.56 -1.62 -38.31
CA LEU A 730 -8.46 -1.27 -39.40
C LEU A 730 -9.79 -0.78 -38.86
N LEU A 731 -10.32 -1.42 -37.82
CA LEU A 731 -11.57 -0.99 -37.23
C LEU A 731 -11.44 0.38 -36.59
N ASN A 732 -10.32 0.63 -35.91
CA ASN A 732 -10.02 1.97 -35.39
C ASN A 732 -10.09 3.01 -36.50
N THR A 733 -9.37 2.75 -37.61
CA THR A 733 -9.34 3.71 -38.70
C THR A 733 -10.73 3.92 -39.29
N ALA A 734 -11.49 2.85 -39.47
CA ALA A 734 -12.83 2.97 -40.04
C ALA A 734 -13.74 3.79 -39.15
N ALA A 735 -13.69 3.56 -37.84
CA ALA A 735 -14.54 4.33 -36.93
C ALA A 735 -14.16 5.81 -36.96
N GLN A 736 -12.86 6.11 -36.92
CA GLN A 736 -12.45 7.52 -36.95
C GLN A 736 -12.84 8.20 -38.25
N VAL A 737 -12.66 7.50 -39.38
CA VAL A 737 -13.01 8.06 -40.68
C VAL A 737 -14.51 8.30 -40.77
N ALA A 738 -15.32 7.40 -40.21
CA ALA A 738 -16.76 7.61 -40.21
C ALA A 738 -17.13 8.83 -39.35
N TYR A 739 -16.48 8.97 -38.20
CA TYR A 739 -16.73 10.13 -37.35
C TYR A 739 -16.43 11.42 -38.09
N VAL A 740 -15.31 11.47 -38.80
CA VAL A 740 -14.98 12.66 -39.59
C VAL A 740 -15.97 12.83 -40.74
N LEU A 741 -16.35 11.72 -41.39
CA LEU A 741 -17.22 11.78 -42.55
C LEU A 741 -18.61 12.30 -42.21
N GLN A 742 -19.05 12.15 -40.97
CA GLN A 742 -20.34 12.72 -40.59
C GLN A 742 -20.33 14.24 -40.77
N ASP A 743 -19.34 14.93 -40.19
CA ASP A 743 -19.26 16.37 -40.36
C ASP A 743 -18.89 16.76 -41.78
N TRP A 744 -18.11 15.91 -42.47
CA TRP A 744 -17.84 16.19 -43.88
C TRP A 744 -19.13 16.15 -44.70
N TRP A 745 -20.02 15.21 -44.38
CA TRP A 745 -21.32 15.15 -45.06
C TRP A 745 -22.17 16.35 -44.73
N LEU A 746 -22.11 16.82 -43.48
CA LEU A 746 -22.78 18.09 -43.15
C LEU A 746 -22.27 19.22 -44.04
N SER A 747 -20.94 19.30 -44.19
CA SER A 747 -20.35 20.35 -45.03
C SER A 747 -20.80 20.21 -46.48
N TYR A 748 -20.81 18.99 -47.00
CA TYR A 748 -21.21 18.78 -48.39
C TYR A 748 -22.68 19.13 -48.59
N TRP A 749 -23.54 18.77 -47.63
CA TRP A 749 -24.94 19.14 -47.70
C TRP A 749 -25.10 20.65 -47.73
N ALA A 750 -24.36 21.35 -46.86
CA ALA A 750 -24.43 22.81 -46.83
C ALA A 750 -23.98 23.41 -48.16
N ASN A 751 -22.88 22.90 -48.72
CA ASN A 751 -22.37 23.42 -49.97
C ASN A 751 -23.37 23.20 -51.11
N LYS A 752 -23.93 21.99 -51.20
CA LYS A 752 -24.88 21.70 -52.27
C LYS A 752 -26.14 22.55 -52.12
N GLN A 753 -26.61 22.75 -50.89
CA GLN A 753 -27.77 23.61 -50.69
C GLN A 753 -27.46 25.05 -51.09
N SER A 754 -26.27 25.53 -50.74
CA SER A 754 -25.89 26.89 -51.10
C SER A 754 -25.83 27.07 -52.62
N MET A 755 -25.27 26.08 -53.32
CA MET A 755 -25.18 26.14 -54.78
C MET A 755 -26.52 25.71 -55.39
N LEU A 756 -27.52 26.58 -55.19
CA LEU A 756 -28.85 26.33 -55.70
C LEU A 756 -29.53 27.66 -56.03
N ASN A 757 -30.55 27.59 -56.87
CA ASN A 757 -31.32 28.74 -57.35
C ASN A 757 -30.47 29.96 -57.67
N THR A 767 -40.10 26.42 -56.84
CA THR A 767 -38.64 26.37 -56.89
C THR A 767 -38.15 24.94 -56.67
N GLU A 768 -36.99 24.62 -57.25
CA GLU A 768 -36.40 23.30 -57.08
C GLU A 768 -35.99 23.08 -55.64
N LYS A 769 -36.17 21.85 -55.16
CA LYS A 769 -35.85 21.47 -53.79
C LYS A 769 -34.90 20.29 -53.79
N LEU A 770 -33.91 20.33 -52.89
CA LEU A 770 -32.97 19.23 -52.77
C LEU A 770 -33.67 18.00 -52.20
N ASP A 771 -33.33 16.83 -52.73
CA ASP A 771 -33.95 15.58 -52.30
C ASP A 771 -33.52 15.29 -50.86
N LEU A 772 -34.43 15.49 -49.91
CA LEU A 772 -34.09 15.33 -48.51
C LEU A 772 -33.85 13.88 -48.13
N ASN A 773 -34.50 12.94 -48.83
CA ASN A 773 -34.43 11.53 -48.46
C ASN A 773 -33.00 11.00 -48.59
N TRP A 774 -32.34 11.29 -49.72
CA TRP A 774 -30.98 10.82 -49.95
C TRP A 774 -30.04 11.30 -48.85
N TYR A 775 -30.05 12.60 -48.59
CA TYR A 775 -29.10 13.18 -47.63
C TYR A 775 -29.39 12.72 -46.22
N LEU A 776 -30.67 12.69 -45.82
CA LEU A 776 -31.02 12.24 -44.49
C LEU A 776 -30.65 10.77 -44.29
N GLY A 777 -30.90 9.93 -45.30
CA GLY A 777 -30.53 8.53 -45.19
C GLY A 777 -29.04 8.32 -45.08
N ILE A 778 -28.26 9.05 -45.89
CA ILE A 778 -26.80 8.91 -45.81
C ILE A 778 -26.30 9.41 -44.45
N TYR A 779 -26.87 10.50 -43.94
CA TYR A 779 -26.48 11.01 -42.64
C TYR A 779 -26.77 9.99 -41.54
N SER A 780 -27.96 9.40 -41.57
CA SER A 780 -28.32 8.39 -40.56
C SER A 780 -27.42 7.17 -40.67
N GLY A 781 -27.10 6.75 -41.90
CA GLY A 781 -26.19 5.64 -42.08
C GLY A 781 -24.82 5.91 -41.51
N LEU A 782 -24.29 7.11 -41.76
CA LEU A 782 -22.99 7.47 -41.20
C LEU A 782 -23.02 7.49 -39.68
N THR A 783 -24.09 8.05 -39.10
CA THR A 783 -24.17 8.11 -37.64
C THR A 783 -24.25 6.72 -37.02
N VAL A 784 -25.10 5.85 -37.58
CA VAL A 784 -25.22 4.51 -37.03
C VAL A 784 -23.94 3.72 -37.24
N ALA A 785 -23.24 3.95 -38.35
CA ALA A 785 -21.95 3.31 -38.56
C ALA A 785 -20.94 3.75 -37.51
N THR A 786 -20.91 5.05 -37.20
CA THR A 786 -20.02 5.54 -36.16
C THR A 786 -20.31 4.85 -34.83
N VAL A 787 -21.59 4.80 -34.45
CA VAL A 787 -21.96 4.23 -33.16
C VAL A 787 -21.58 2.75 -33.10
N LEU A 788 -21.96 1.99 -34.13
CA LEU A 788 -21.70 0.55 -34.13
C LEU A 788 -20.21 0.27 -34.15
N PHE A 789 -19.45 0.99 -34.96
CA PHE A 789 -18.01 0.76 -35.03
C PHE A 789 -17.33 1.11 -33.72
N GLY A 790 -17.76 2.18 -33.06
CA GLY A 790 -17.20 2.51 -31.77
C GLY A 790 -17.47 1.43 -30.74
N ILE A 791 -18.71 0.93 -30.68
CA ILE A 791 -19.05 -0.12 -29.74
C ILE A 791 -18.21 -1.37 -29.99
N ALA A 792 -18.15 -1.80 -31.26
CA ALA A 792 -17.39 -3.00 -31.60
C ALA A 792 -15.91 -2.83 -31.30
N ARG A 793 -15.36 -1.65 -31.61
CA ARG A 793 -13.95 -1.39 -31.34
C ARG A 793 -13.65 -1.50 -29.85
N SER A 794 -14.48 -0.84 -29.02
CA SER A 794 -14.22 -0.86 -27.58
C SER A 794 -14.30 -2.29 -27.04
N LEU A 795 -15.33 -3.03 -27.46
CA LEU A 795 -15.47 -4.41 -26.99
C LEU A 795 -14.29 -5.26 -27.42
N LEU A 796 -13.86 -5.13 -28.67
CA LEU A 796 -12.73 -5.93 -29.16
C LEU A 796 -11.45 -5.59 -28.42
N VAL A 797 -11.20 -4.30 -28.19
CA VAL A 797 -9.98 -3.90 -27.51
C VAL A 797 -9.95 -4.46 -26.09
N PHE A 798 -11.06 -4.32 -25.36
CA PHE A 798 -11.10 -4.84 -24.00
C PHE A 798 -10.94 -6.36 -23.99
N TYR A 799 -11.59 -7.05 -24.93
CA TYR A 799 -11.49 -8.50 -24.98
C TYR A 799 -10.05 -8.94 -25.22
N VAL A 800 -9.37 -8.31 -26.18
CA VAL A 800 -8.00 -8.70 -26.50
C VAL A 800 -7.08 -8.42 -25.32
N LEU A 801 -7.21 -7.24 -24.69
CA LEU A 801 -6.33 -6.92 -23.58
C LEU A 801 -6.57 -7.84 -22.39
N VAL A 802 -7.83 -8.13 -22.08
CA VAL A 802 -8.13 -9.03 -20.95
C VAL A 802 -7.62 -10.43 -21.23
N ASN A 803 -7.78 -10.91 -22.47
CA ASN A 803 -7.25 -12.22 -22.82
C ASN A 803 -5.73 -12.25 -22.68
N SER A 804 -5.06 -11.17 -23.09
CA SER A 804 -3.61 -11.10 -22.91
C SER A 804 -3.22 -11.17 -21.45
N SER A 805 -3.96 -10.44 -20.59
CA SER A 805 -3.67 -10.47 -19.16
C SER A 805 -3.86 -11.87 -18.59
N GLN A 806 -4.95 -12.54 -18.99
CA GLN A 806 -5.21 -13.90 -18.50
C GLN A 806 -4.12 -14.86 -18.93
N THR A 807 -3.71 -14.79 -20.20
CA THR A 807 -2.66 -15.68 -20.69
C THR A 807 -1.34 -15.42 -19.97
N LEU A 808 -1.01 -14.14 -19.76
CA LEU A 808 0.22 -13.80 -19.05
C LEU A 808 0.19 -14.35 -17.64
N HIS A 809 -0.94 -14.17 -16.93
CA HIS A 809 -1.04 -14.66 -15.56
C HIS A 809 -0.89 -16.17 -15.50
N ASN A 810 -1.58 -16.88 -16.38
CA ASN A 810 -1.48 -18.34 -16.39
C ASN A 810 -0.05 -18.79 -16.66
N LYS A 811 0.59 -18.19 -17.67
CA LYS A 811 1.95 -18.60 -18.00
C LYS A 811 2.91 -18.33 -16.85
N MET A 812 2.80 -17.17 -16.22
CA MET A 812 3.79 -16.82 -15.19
C MET A 812 3.55 -17.61 -13.90
N PHE A 813 2.28 -17.90 -13.58
CA PHE A 813 2.01 -18.78 -12.44
C PHE A 813 2.53 -20.19 -12.69
N GLU A 814 2.29 -20.72 -13.89
CA GLU A 814 2.81 -22.05 -14.22
C GLU A 814 4.33 -22.07 -14.19
N SER A 815 4.98 -20.97 -14.59
CA SER A 815 6.43 -20.90 -14.53
C SER A 815 6.93 -20.88 -13.09
N ILE A 816 6.31 -20.05 -12.25
CA ILE A 816 6.81 -19.92 -10.88
C ILE A 816 6.55 -21.18 -10.07
N LEU A 817 5.45 -21.89 -10.34
CA LEU A 817 5.16 -23.10 -9.59
C LEU A 817 6.25 -24.16 -9.77
N LYS A 818 6.97 -24.13 -10.88
CA LYS A 818 8.06 -25.06 -11.14
C LYS A 818 9.43 -24.47 -10.85
N ALA A 819 9.49 -23.31 -10.22
CA ALA A 819 10.76 -22.66 -9.93
C ALA A 819 11.49 -23.35 -8.79
N PRO A 820 12.81 -23.36 -8.81
CA PRO A 820 13.58 -23.96 -7.70
C PRO A 820 13.47 -23.13 -6.44
N VAL A 821 13.80 -23.79 -5.32
CA VAL A 821 13.68 -23.16 -4.01
C VAL A 821 14.66 -22.00 -3.82
N LEU A 822 15.71 -21.94 -4.63
CA LEU A 822 16.68 -20.85 -4.52
C LEU A 822 16.03 -19.50 -4.81
N PHE A 823 15.17 -19.45 -5.82
CA PHE A 823 14.47 -18.21 -6.16
C PHE A 823 13.62 -17.73 -4.99
N PHE A 824 12.94 -18.65 -4.31
CA PHE A 824 12.08 -18.26 -3.20
C PHE A 824 12.89 -17.93 -1.96
N ASP A 825 14.04 -18.57 -1.77
CA ASP A 825 14.93 -18.19 -0.67
C ASP A 825 15.49 -16.79 -0.87
N ARG A 826 15.86 -16.45 -2.10
CA ARG A 826 16.44 -15.14 -2.37
C ARG A 826 15.38 -14.05 -2.31
N ASN A 827 14.23 -14.27 -2.93
CA ASN A 827 13.18 -13.26 -2.99
C ASN A 827 12.30 -13.33 -1.75
N PRO A 828 12.09 -12.23 -1.04
CA PRO A 828 11.23 -12.24 0.15
C PRO A 828 9.77 -12.46 -0.24
N ILE A 829 8.98 -12.84 0.76
CA ILE A 829 7.57 -13.15 0.55
C ILE A 829 6.82 -11.91 0.06
N GLY A 830 7.10 -10.75 0.66
CA GLY A 830 6.44 -9.53 0.22
C GLY A 830 6.76 -9.17 -1.21
N ARG A 831 8.02 -9.33 -1.61
CA ARG A 831 8.41 -9.02 -2.99
C ARG A 831 7.71 -9.95 -3.98
N ILE A 832 7.62 -11.23 -3.66
CA ILE A 832 7.01 -12.18 -4.58
C ILE A 832 5.49 -12.05 -4.60
N LEU A 833 4.89 -11.55 -3.52
CA LEU A 833 3.44 -11.33 -3.48
C LEU A 833 3.03 -9.99 -4.07
N ASN A 834 3.95 -9.02 -4.13
CA ASN A 834 3.63 -7.72 -4.69
C ASN A 834 3.21 -7.83 -6.15
N ARG A 835 3.94 -8.62 -6.94
CA ARG A 835 3.61 -8.77 -8.35
C ARG A 835 2.47 -9.74 -8.60
N PHE A 836 1.97 -10.39 -7.55
CA PHE A 836 0.75 -11.18 -7.61
C PHE A 836 -0.50 -10.38 -7.24
N SER A 837 -0.34 -9.40 -6.35
CA SER A 837 -1.48 -8.64 -5.83
C SER A 837 -1.64 -7.26 -6.46
N LYS A 838 -0.58 -6.69 -7.03
CA LYS A 838 -0.62 -5.32 -7.53
C LYS A 838 -0.43 -5.25 -9.04
N ASP A 839 0.64 -5.81 -9.58
CA ASP A 839 0.91 -5.69 -11.01
C ASP A 839 -0.16 -6.39 -11.83
N ILE A 840 -0.57 -7.60 -11.42
CA ILE A 840 -1.63 -8.30 -12.14
C ILE A 840 -2.94 -7.54 -12.00
N GLY A 841 -3.20 -6.96 -10.82
CA GLY A 841 -4.39 -6.15 -10.66
C GLY A 841 -4.44 -4.98 -11.61
N HIS A 842 -3.32 -4.26 -11.76
CA HIS A 842 -3.25 -3.16 -12.71
C HIS A 842 -3.46 -3.67 -14.14
N LEU A 843 -2.76 -4.74 -14.50
CA LEU A 843 -2.91 -5.33 -15.82
C LEU A 843 -4.34 -5.78 -16.09
N ASP A 844 -5.12 -6.01 -15.04
CA ASP A 844 -6.50 -6.46 -15.22
C ASP A 844 -7.50 -5.31 -15.29
N ASP A 845 -7.36 -4.27 -14.46
CA ASP A 845 -8.43 -3.28 -14.37
C ASP A 845 -8.02 -1.86 -14.74
N LEU A 846 -6.76 -1.62 -15.09
CA LEU A 846 -6.43 -0.24 -15.45
C LEU A 846 -5.79 -0.10 -16.81
N LEU A 847 -4.87 -1.02 -17.17
CA LEU A 847 -4.19 -0.92 -18.46
C LEU A 847 -5.15 -1.00 -19.65
N PRO A 848 -6.12 -1.91 -19.71
CA PRO A 848 -7.02 -1.92 -20.88
C PRO A 848 -7.75 -0.61 -21.08
N LEU A 849 -8.42 -0.10 -20.03
CA LEU A 849 -9.16 1.15 -20.17
C LEU A 849 -8.23 2.31 -20.51
N THR A 850 -7.10 2.41 -19.82
CA THR A 850 -6.22 3.55 -20.06
C THR A 850 -5.65 3.52 -21.47
N PHE A 851 -5.26 2.33 -21.95
CA PHE A 851 -4.73 2.21 -23.30
C PHE A 851 -5.80 2.52 -24.34
N LEU A 852 -7.03 2.03 -24.13
CA LEU A 852 -8.09 2.31 -25.10
C LEU A 852 -8.42 3.80 -25.14
N ASP A 853 -8.47 4.44 -23.96
CA ASP A 853 -8.74 5.87 -23.92
C ASP A 853 -7.64 6.66 -24.61
N PHE A 854 -6.38 6.29 -24.37
CA PHE A 854 -5.27 6.98 -25.01
C PHE A 854 -5.33 6.81 -26.53
N ILE A 855 -5.62 5.60 -27.01
CA ILE A 855 -5.65 5.38 -28.45
C ILE A 855 -6.84 6.11 -29.08
N GLN A 856 -7.96 6.17 -28.37
CA GLN A 856 -9.13 6.89 -28.88
C GLN A 856 -8.83 8.38 -29.01
N THR A 857 -8.24 8.96 -27.96
CA THR A 857 -7.91 10.38 -28.01
C THR A 857 -6.87 10.67 -29.08
N LEU A 858 -5.89 9.79 -29.24
CA LEU A 858 -4.89 9.98 -30.28
C LEU A 858 -5.52 9.92 -31.67
N LEU A 859 -6.44 8.99 -31.89
CA LEU A 859 -7.13 8.92 -33.17
C LEU A 859 -7.94 10.19 -33.42
N GLN A 860 -8.62 10.70 -32.40
CA GLN A 860 -9.39 11.93 -32.57
C GLN A 860 -8.47 13.10 -32.93
N VAL A 861 -7.34 13.22 -32.24
CA VAL A 861 -6.42 14.34 -32.51
C VAL A 861 -5.87 14.23 -33.92
N VAL A 862 -5.44 13.03 -34.31
CA VAL A 862 -4.85 12.88 -35.65
C VAL A 862 -5.91 13.09 -36.72
N GLY A 863 -7.16 12.69 -36.47
CA GLY A 863 -8.22 12.97 -37.43
C GLY A 863 -8.49 14.46 -37.58
N VAL A 864 -8.52 15.19 -36.45
CA VAL A 864 -8.75 16.63 -36.52
C VAL A 864 -7.62 17.30 -37.29
N VAL A 865 -6.38 16.92 -37.00
CA VAL A 865 -5.24 17.51 -37.70
C VAL A 865 -5.27 17.13 -39.18
N SER A 866 -5.70 15.92 -39.50
CA SER A 866 -5.82 15.52 -40.90
C SER A 866 -6.86 16.34 -41.62
N VAL A 867 -7.99 16.63 -40.97
CA VAL A 867 -8.98 17.52 -41.57
C VAL A 867 -8.38 18.90 -41.80
N ALA A 868 -7.64 19.40 -40.82
CA ALA A 868 -7.03 20.73 -40.93
C ALA A 868 -6.03 20.78 -42.08
N VAL A 869 -5.31 19.68 -42.31
CA VAL A 869 -4.37 19.65 -43.43
C VAL A 869 -5.13 19.52 -44.76
N ALA A 870 -6.17 18.70 -44.79
CA ALA A 870 -6.87 18.44 -46.05
C ALA A 870 -7.62 19.66 -46.55
N VAL A 871 -8.19 20.44 -45.63
CA VAL A 871 -8.91 21.66 -46.04
C VAL A 871 -7.96 22.64 -46.71
N ILE A 872 -6.78 22.86 -46.12
CA ILE A 872 -5.80 23.80 -46.63
C ILE A 872 -4.47 23.09 -46.73
N PRO A 873 -4.01 22.72 -47.93
CA PRO A 873 -2.76 21.95 -48.05
C PRO A 873 -1.54 22.69 -47.55
N TRP A 874 -1.58 24.02 -47.44
CA TRP A 874 -0.41 24.79 -47.06
C TRP A 874 -0.09 24.71 -45.57
N ILE A 875 -1.01 24.23 -44.74
CA ILE A 875 -0.76 24.10 -43.30
C ILE A 875 0.27 23.02 -42.98
N ALA A 876 0.68 22.23 -43.98
CA ALA A 876 1.65 21.16 -43.73
C ALA A 876 3.01 21.71 -43.31
N ILE A 877 3.39 22.87 -43.85
CA ILE A 877 4.74 23.39 -43.60
C ILE A 877 5.00 23.67 -42.12
N PRO A 878 4.15 24.41 -41.39
CA PRO A 878 4.43 24.63 -39.97
C PRO A 878 4.24 23.38 -39.11
N LEU A 879 3.58 22.35 -39.64
CA LEU A 879 3.26 21.18 -38.84
C LEU A 879 4.52 20.45 -38.38
N VAL A 880 5.54 20.36 -39.25
CA VAL A 880 6.78 19.70 -38.85
C VAL A 880 7.50 20.43 -37.73
N PRO A 881 7.72 21.76 -37.80
CA PRO A 881 8.27 22.45 -36.63
C PRO A 881 7.41 22.32 -35.39
N LEU A 882 6.08 22.37 -35.54
CA LEU A 882 5.22 22.21 -34.37
C LEU A 882 5.42 20.84 -33.73
N GLY A 883 5.49 19.79 -34.55
CA GLY A 883 5.67 18.45 -34.02
C GLY A 883 7.02 18.25 -33.35
N ILE A 884 8.09 18.76 -33.96
CA ILE A 884 9.40 18.58 -33.36
C ILE A 884 9.49 19.37 -32.05
N ILE A 885 8.91 20.57 -32.02
CA ILE A 885 8.88 21.35 -30.79
C ILE A 885 8.10 20.63 -29.71
N PHE A 886 6.95 20.04 -30.07
CA PHE A 886 6.16 19.31 -29.09
C PHE A 886 6.91 18.09 -28.56
N ILE A 887 7.61 17.37 -29.43
CA ILE A 887 8.36 16.18 -28.98
C ILE A 887 9.47 16.59 -28.03
N PHE A 888 10.22 17.63 -28.38
CA PHE A 888 11.29 18.10 -27.51
C PHE A 888 10.73 18.60 -26.18
N LEU A 889 9.58 19.29 -26.21
CA LEU A 889 8.96 19.75 -24.98
C LEU A 889 8.54 18.58 -24.10
N ARG A 890 7.95 17.54 -24.70
CA ARG A 890 7.54 16.38 -23.92
C ARG A 890 8.74 15.71 -23.27
N ARG A 891 9.83 15.53 -24.02
CA ARG A 891 11.03 14.95 -23.42
C ARG A 891 11.58 15.83 -22.30
N TYR A 892 11.62 17.14 -22.53
CA TYR A 892 12.14 18.06 -21.53
C TYR A 892 11.33 18.01 -20.25
N PHE A 893 10.00 17.98 -20.37
CA PHE A 893 9.15 17.96 -19.19
C PHE A 893 9.18 16.62 -18.48
N LEU A 894 9.25 15.51 -19.23
CA LEU A 894 9.27 14.20 -18.61
C LEU A 894 10.61 13.92 -17.94
N GLU A 895 11.69 14.54 -18.40
CA GLU A 895 12.97 14.34 -17.72
C GLU A 895 13.05 15.06 -16.39
N THR A 896 11.99 15.74 -15.95
CA THR A 896 12.01 16.45 -14.67
C THR A 896 10.78 16.12 -13.84
N SER A 897 9.68 15.72 -14.51
CA SER A 897 8.46 15.45 -13.78
C SER A 897 8.55 14.18 -12.93
N ARG A 898 9.26 13.16 -13.42
CA ARG A 898 9.36 11.90 -12.68
C ARG A 898 10.07 12.10 -11.35
N ASP A 899 11.12 12.92 -11.33
CA ASP A 899 11.85 13.17 -10.10
C ASP A 899 10.95 13.81 -9.05
N VAL A 900 10.15 14.80 -9.45
CA VAL A 900 9.24 15.44 -8.51
C VAL A 900 8.17 14.46 -8.05
N LYS A 901 7.63 13.67 -8.97
CA LYS A 901 6.56 12.75 -8.60
C LYS A 901 7.04 11.66 -7.64
N ARG A 902 8.30 11.26 -7.74
CA ARG A 902 8.84 10.31 -6.78
C ARG A 902 9.29 10.97 -5.48
N LEU A 903 9.77 12.22 -5.55
CA LEU A 903 10.18 12.93 -4.35
C LEU A 903 9.00 13.19 -3.43
N GLU A 904 7.86 13.59 -4.01
CA GLU A 904 6.67 13.82 -3.21
C GLU A 904 6.19 12.53 -2.54
N SER A 905 6.21 11.43 -3.28
CA SER A 905 5.82 10.15 -2.71
C SER A 905 6.74 9.73 -1.57
N THR A 906 8.06 9.95 -1.74
CA THR A 906 8.99 9.64 -0.67
C THR A 906 8.76 10.52 0.55
N THR A 907 8.47 11.80 0.34
CA THR A 907 8.32 12.76 1.43
C THR A 907 6.96 12.67 2.11
N ARG A 908 5.98 12.00 1.51
CA ARG A 908 4.67 11.90 2.15
C ARG A 908 4.62 10.95 3.33
N SER A 909 5.61 10.05 3.48
CA SER A 909 5.62 9.07 4.57
C SER A 909 6.10 9.59 5.92
N PRO A 910 7.13 10.44 6.00
CA PRO A 910 7.64 10.84 7.31
C PRO A 910 6.61 11.51 8.21
N VAL A 911 5.65 12.26 7.67
CA VAL A 911 4.62 12.85 8.51
C VAL A 911 3.78 11.76 9.17
N PHE A 912 3.41 10.73 8.41
CA PHE A 912 2.64 9.62 8.99
C PHE A 912 3.45 8.88 10.04
N SER A 913 4.74 8.64 9.76
CA SER A 913 5.59 7.97 10.73
C SER A 913 5.71 8.79 12.02
N HIS A 914 5.88 10.11 11.88
CA HIS A 914 5.97 10.98 13.05
C HIS A 914 4.70 10.95 13.86
N LEU A 915 3.54 11.01 13.19
CA LEU A 915 2.27 10.96 13.91
C LEU A 915 2.13 9.65 14.67
N SER A 916 2.46 8.53 14.01
CA SER A 916 2.33 7.23 14.65
C SER A 916 3.23 7.12 15.87
N SER A 917 4.51 7.48 15.72
CA SER A 917 5.44 7.36 16.84
C SER A 917 5.07 8.30 17.98
N SER A 918 4.72 9.54 17.68
CA SER A 918 4.35 10.49 18.72
C SER A 918 3.11 10.04 19.47
N LEU A 919 2.12 9.51 18.74
CA LEU A 919 0.92 9.01 19.42
C LEU A 919 1.26 7.80 20.29
N GLN A 920 2.13 6.92 19.80
CA GLN A 920 2.50 5.75 20.60
C GLN A 920 3.21 6.14 21.89
N GLY A 921 4.07 7.16 21.81
CA GLY A 921 4.75 7.64 23.00
C GLY A 921 4.07 8.81 23.67
N LEU A 922 2.74 8.85 23.61
CA LEU A 922 2.01 10.03 24.08
C LEU A 922 2.15 10.22 25.59
N TRP A 923 2.13 9.12 26.36
CA TRP A 923 2.26 9.25 27.81
C TRP A 923 3.59 9.89 28.19
N THR A 924 4.68 9.40 27.58
CA THR A 924 5.99 9.98 27.86
C THR A 924 6.07 11.41 27.37
N ILE A 925 5.47 11.71 26.21
CA ILE A 925 5.52 13.06 25.67
C ILE A 925 4.82 14.03 26.62
N ARG A 926 3.65 13.65 27.13
CA ARG A 926 2.91 14.51 28.03
C ARG A 926 3.49 14.53 29.45
N ALA A 927 4.30 13.53 29.81
CA ALA A 927 4.94 13.57 31.11
C ALA A 927 5.84 14.79 31.25
N TYR A 928 6.60 15.11 30.22
CA TYR A 928 7.33 16.37 30.16
C TYR A 928 6.41 17.47 29.65
N LYS A 929 6.71 18.71 30.08
CA LYS A 929 5.95 19.85 29.60
C LYS A 929 6.17 20.14 28.12
N ALA A 930 7.18 19.53 27.50
CA ALA A 930 7.56 19.85 26.14
C ALA A 930 6.63 19.15 25.16
N GLU A 931 5.79 19.92 24.48
CA GLU A 931 5.02 19.47 23.34
C GLU A 931 5.09 20.42 22.15
N GLU A 932 5.45 21.69 22.39
CA GLU A 932 5.63 22.62 21.28
C GLU A 932 6.76 22.18 20.36
N ARG A 933 7.78 21.52 20.90
CA ARG A 933 8.85 21.02 20.03
C ARG A 933 8.32 19.94 19.09
N CYS A 934 7.50 19.02 19.59
CA CYS A 934 6.89 18.01 18.73
C CYS A 934 6.01 18.68 17.68
N GLN A 935 5.24 19.69 18.09
CA GLN A 935 4.46 20.45 17.13
C GLN A 935 5.35 21.08 16.07
N GLU A 936 6.55 21.52 16.47
CA GLU A 936 7.44 22.21 15.52
C GLU A 936 8.04 21.24 14.51
N LEU A 937 8.47 20.05 14.95
CA LEU A 937 8.91 19.05 13.98
C LEU A 937 7.77 18.60 13.06
N PHE A 938 6.56 18.47 13.61
CA PHE A 938 5.42 18.18 12.73
C PHE A 938 5.23 19.29 11.70
N ASP A 939 5.38 20.54 12.12
CA ASP A 939 5.28 21.67 11.20
C ASP A 939 6.35 21.59 10.12
N ALA A 940 7.57 21.20 10.49
CA ALA A 940 8.64 21.09 9.51
C ALA A 940 8.34 20.02 8.47
N HIS A 941 7.88 18.84 8.94
CA HIS A 941 7.54 17.77 8.02
C HIS A 941 6.40 18.17 7.09
N GLN A 942 5.39 18.84 7.65
CA GLN A 942 4.27 19.32 6.83
C GLN A 942 4.75 20.34 5.80
N ASP A 943 5.66 21.22 6.19
CA ASP A 943 6.19 22.20 5.25
C ASP A 943 6.93 21.52 4.11
N LEU A 944 7.72 20.49 4.43
CA LEU A 944 8.41 19.76 3.37
C LEU A 944 7.43 19.10 2.40
N HIS A 945 6.40 18.46 2.94
CA HIS A 945 5.42 17.81 2.06
C HIS A 945 4.69 18.83 1.20
N SER A 946 4.29 19.96 1.79
CA SER A 946 3.63 21.01 1.03
C SER A 946 4.56 21.60 -0.03
N GLU A 947 5.86 21.65 0.25
CA GLU A 947 6.83 22.12 -0.74
C GLU A 947 6.89 21.18 -1.94
N ALA A 948 6.90 19.87 -1.67
CA ALA A 948 6.84 18.90 -2.76
C ALA A 948 5.56 19.06 -3.58
N TRP A 949 4.43 19.24 -2.88
CA TRP A 949 3.16 19.44 -3.59
C TRP A 949 3.20 20.70 -4.44
N PHE A 950 3.81 21.77 -3.93
CA PHE A 950 3.90 23.03 -4.65
C PHE A 950 4.69 22.86 -5.94
N LEU A 951 5.85 22.21 -5.87
CA LEU A 951 6.62 21.99 -7.09
C LEU A 951 5.88 21.09 -8.07
N PHE A 952 5.21 20.04 -7.56
CA PHE A 952 4.44 19.17 -8.43
C PHE A 952 3.33 19.92 -9.14
N LEU A 953 2.72 20.89 -8.47
CA LEU A 953 1.67 21.68 -9.11
C LEU A 953 2.25 22.61 -10.16
N THR A 954 3.34 23.31 -9.82
CA THR A 954 3.89 24.31 -10.73
C THR A 954 4.41 23.69 -12.01
N THR A 955 5.10 22.54 -11.92
CA THR A 955 5.63 21.93 -13.13
C THR A 955 4.52 21.50 -14.07
N SER A 956 3.46 20.89 -13.52
CA SER A 956 2.33 20.48 -14.34
C SER A 956 1.66 21.67 -15.00
N ARG A 957 1.50 22.78 -14.26
CA ARG A 957 0.90 23.96 -14.86
C ARG A 957 1.77 24.53 -15.98
N TRP A 958 3.10 24.50 -15.81
CA TRP A 958 3.98 24.97 -16.89
C TRP A 958 3.82 24.12 -18.14
N PHE A 959 3.81 22.80 -17.97
CA PHE A 959 3.63 21.93 -19.13
C PHE A 959 2.29 22.19 -19.81
N ALA A 960 1.23 22.36 -19.00
CA ALA A 960 -0.09 22.63 -19.55
C ALA A 960 -0.13 23.93 -20.33
N VAL A 961 0.51 24.99 -19.80
CA VAL A 961 0.45 26.27 -20.50
C VAL A 961 1.23 26.21 -21.80
N ARG A 962 2.36 25.47 -21.82
CA ARG A 962 3.08 25.31 -23.08
C ARG A 962 2.24 24.56 -24.12
N LEU A 963 1.58 23.47 -23.70
CA LEU A 963 0.75 22.72 -24.64
C LEU A 963 -0.40 23.56 -25.18
N ASP A 964 -1.06 24.32 -24.30
CA ASP A 964 -2.15 25.16 -24.76
C ASP A 964 -1.66 26.30 -25.64
N ALA A 965 -0.46 26.82 -25.39
CA ALA A 965 0.09 27.82 -26.29
C ALA A 965 0.29 27.25 -27.69
N ILE A 966 0.82 26.03 -27.78
CA ILE A 966 1.00 25.40 -29.10
C ILE A 966 -0.34 25.19 -29.78
N CYS A 967 -1.33 24.69 -29.03
CA CYS A 967 -2.64 24.43 -29.62
C CYS A 967 -3.31 25.73 -30.09
N ALA A 968 -3.20 26.79 -29.30
CA ALA A 968 -3.76 28.08 -29.71
C ALA A 968 -3.05 28.61 -30.94
N MET A 969 -1.73 28.41 -31.03
CA MET A 969 -1.02 28.79 -32.24
C MET A 969 -1.57 28.05 -33.44
N PHE A 970 -1.85 26.76 -33.29
CA PHE A 970 -2.46 26.00 -34.38
C PHE A 970 -3.81 26.58 -34.78
N VAL A 971 -4.64 26.91 -33.78
CA VAL A 971 -5.96 27.46 -34.09
C VAL A 971 -5.84 28.77 -34.86
N ILE A 972 -4.96 29.65 -34.40
CA ILE A 972 -4.80 30.95 -35.03
C ILE A 972 -4.27 30.80 -36.44
N ILE A 973 -3.30 29.91 -36.66
CA ILE A 973 -2.73 29.77 -37.99
C ILE A 973 -3.77 29.19 -38.95
N VAL A 974 -4.60 28.25 -38.47
CA VAL A 974 -5.67 27.72 -39.33
C VAL A 974 -6.64 28.83 -39.72
N ALA A 975 -7.07 29.63 -38.75
CA ALA A 975 -8.03 30.70 -39.05
C ALA A 975 -7.44 31.71 -40.03
N PHE A 976 -6.22 32.16 -39.77
CA PHE A 976 -5.62 33.19 -40.62
C PHE A 976 -5.33 32.67 -42.02
N GLY A 977 -4.89 31.40 -42.13
CA GLY A 977 -4.72 30.81 -43.45
C GLY A 977 -6.03 30.70 -44.21
N SER A 978 -7.11 30.33 -43.51
CA SER A 978 -8.41 30.25 -44.16
C SER A 978 -8.84 31.61 -44.68
N LEU A 979 -8.63 32.67 -43.90
CA LEU A 979 -8.98 34.01 -44.38
C LEU A 979 -8.08 34.43 -45.54
N ILE A 980 -6.78 34.13 -45.47
CA ILE A 980 -5.86 34.56 -46.51
C ILE A 980 -6.21 33.89 -47.83
N LEU A 981 -6.46 32.58 -47.81
CA LEU A 981 -6.78 31.82 -49.01
C LEU A 981 -8.28 31.64 -49.21
N ALA A 982 -9.09 32.60 -48.76
CA ALA A 982 -10.54 32.46 -48.81
C ALA A 982 -11.09 32.52 -50.23
N LYS A 983 -10.30 33.01 -51.20
CA LYS A 983 -10.82 33.16 -52.55
C LYS A 983 -11.10 31.84 -53.25
N THR A 984 -10.53 30.73 -52.76
CA THR A 984 -10.71 29.44 -53.38
C THR A 984 -11.51 28.44 -52.54
N LEU A 985 -11.68 28.69 -51.25
CA LEU A 985 -12.38 27.77 -50.38
C LEU A 985 -13.88 28.02 -50.40
N ASP A 986 -14.60 27.28 -49.55
CA ASP A 986 -16.05 27.43 -49.44
C ASP A 986 -16.46 27.31 -47.97
N ALA A 987 -17.66 27.81 -47.69
CA ALA A 987 -18.06 28.09 -46.31
C ALA A 987 -18.10 26.83 -45.45
N GLY A 988 -18.72 25.76 -45.95
CA GLY A 988 -18.84 24.55 -45.15
C GLY A 988 -17.49 23.93 -44.82
N GLN A 989 -16.60 23.86 -45.82
CA GLN A 989 -15.28 23.29 -45.60
C GLN A 989 -14.49 24.13 -44.59
N VAL A 990 -14.55 25.46 -44.73
CA VAL A 990 -13.86 26.34 -43.78
C VAL A 990 -14.43 26.15 -42.38
N GLY A 991 -15.77 26.05 -42.27
CA GLY A 991 -16.38 25.88 -40.97
C GLY A 991 -15.99 24.59 -40.29
N LEU A 992 -16.01 23.49 -41.05
CA LEU A 992 -15.56 22.21 -40.49
C LEU A 992 -14.12 22.30 -40.01
N ALA A 993 -13.25 22.87 -40.84
CA ALA A 993 -11.84 23.00 -40.46
C ALA A 993 -11.68 23.78 -39.17
N LEU A 994 -12.31 24.96 -39.09
CA LEU A 994 -12.07 25.83 -37.97
C LEU A 994 -12.76 25.32 -36.71
N SER A 995 -13.91 24.64 -36.85
CA SER A 995 -14.54 24.03 -35.68
C SER A 995 -13.69 22.90 -35.10
N TYR A 996 -13.09 22.07 -35.96
CA TYR A 996 -12.24 21.01 -35.43
C TYR A 996 -10.96 21.58 -34.83
N ALA A 997 -10.41 22.63 -35.44
CA ALA A 997 -9.29 23.34 -34.83
C ALA A 997 -9.67 23.88 -33.47
N LEU A 998 -10.90 24.38 -33.33
CA LEU A 998 -11.39 24.85 -32.04
C LEU A 998 -11.45 23.72 -31.03
N THR A 999 -11.96 22.56 -31.43
CA THR A 999 -12.18 21.48 -30.47
C THR A 999 -10.91 20.69 -30.15
N LEU A 1000 -9.81 20.93 -30.89
CA LEU A 1000 -8.53 20.30 -30.53
C LEU A 1000 -8.11 20.65 -29.10
N MET A 1001 -8.59 21.80 -28.59
CA MET A 1001 -8.39 22.19 -27.20
C MET A 1001 -8.88 21.11 -26.25
N GLY A 1002 -8.11 20.87 -25.19
CA GLY A 1002 -8.49 19.86 -24.22
C GLY A 1002 -8.24 18.44 -24.69
N MET A 1003 -8.64 18.12 -25.91
CA MET A 1003 -8.37 16.79 -26.45
C MET A 1003 -6.87 16.53 -26.54
N PHE A 1004 -6.11 17.51 -27.03
CA PHE A 1004 -4.66 17.32 -27.10
C PHE A 1004 -4.05 17.12 -25.71
N GLN A 1005 -4.49 17.92 -24.74
CA GLN A 1005 -3.97 17.81 -23.38
C GLN A 1005 -4.29 16.44 -22.78
N TRP A 1006 -5.53 15.97 -22.97
CA TRP A 1006 -5.91 14.66 -22.46
C TRP A 1006 -5.08 13.56 -23.11
N CYS A 1007 -4.85 13.66 -24.42
CA CYS A 1007 -4.05 12.65 -25.10
C CYS A 1007 -2.64 12.59 -24.52
N VAL A 1008 -2.02 13.76 -24.33
CA VAL A 1008 -0.66 13.80 -23.79
C VAL A 1008 -0.62 13.22 -22.38
N ARG A 1009 -1.58 13.62 -21.54
CA ARG A 1009 -1.59 13.14 -20.14
C ARG A 1009 -1.77 11.64 -20.09
N GLN A 1010 -2.70 11.09 -20.88
CA GLN A 1010 -2.91 9.65 -20.86
C GLN A 1010 -1.73 8.89 -21.43
N SER A 1011 -1.05 9.45 -22.44
CA SER A 1011 0.17 8.82 -22.94
C SER A 1011 1.23 8.75 -21.83
N ALA A 1012 1.39 9.85 -21.09
CA ALA A 1012 2.34 9.85 -19.98
C ALA A 1012 1.97 8.80 -18.94
N GLU A 1013 0.68 8.71 -18.60
CA GLU A 1013 0.25 7.73 -17.60
C GLU A 1013 0.54 6.30 -18.08
N VAL A 1014 0.25 6.02 -19.36
CA VAL A 1014 0.45 4.67 -19.87
C VAL A 1014 1.94 4.30 -19.87
N GLU A 1015 2.79 5.21 -20.36
CA GLU A 1015 4.21 4.90 -20.37
C GLU A 1015 4.80 4.84 -18.97
N ASN A 1016 4.17 5.49 -17.98
CA ASN A 1016 4.62 5.35 -16.61
C ASN A 1016 4.22 4.00 -16.03
N MET A 1017 2.99 3.56 -16.30
CA MET A 1017 2.43 2.40 -15.63
C MET A 1017 2.70 1.08 -16.37
N MET A 1018 3.32 1.13 -17.55
CA MET A 1018 3.69 -0.10 -18.25
C MET A 1018 4.67 -0.97 -17.45
N ILE A 1019 5.32 -0.40 -16.43
CA ILE A 1019 6.30 -1.12 -15.64
C ILE A 1019 5.70 -2.35 -14.96
N SER A 1020 4.39 -2.36 -14.72
CA SER A 1020 3.77 -3.52 -14.08
C SER A 1020 3.85 -4.76 -14.98
N VAL A 1021 3.43 -4.62 -16.24
CA VAL A 1021 3.56 -5.75 -17.14
C VAL A 1021 5.03 -6.02 -17.44
N GLU A 1022 5.89 -5.00 -17.35
CA GLU A 1022 7.32 -5.26 -17.44
C GLU A 1022 7.76 -6.25 -16.34
N ARG A 1023 7.34 -6.00 -15.11
CA ARG A 1023 7.67 -6.91 -14.01
C ARG A 1023 7.06 -8.29 -14.23
N VAL A 1024 5.82 -8.34 -14.71
CA VAL A 1024 5.16 -9.62 -14.92
C VAL A 1024 5.89 -10.44 -15.98
N ILE A 1025 6.27 -9.80 -17.09
CA ILE A 1025 6.99 -10.54 -18.13
C ILE A 1025 8.38 -10.92 -17.65
N GLU A 1026 8.98 -10.14 -16.75
CA GLU A 1026 10.24 -10.57 -16.15
C GLU A 1026 10.02 -11.84 -15.35
N TYR A 1027 8.91 -11.92 -14.62
CA TYR A 1027 8.54 -13.14 -13.90
C TYR A 1027 8.07 -14.27 -14.81
N THR A 1028 7.82 -14.00 -16.09
CA THR A 1028 7.31 -15.06 -16.97
C THR A 1028 8.32 -16.18 -17.19
N ASP A 1029 9.61 -15.88 -17.16
CA ASP A 1029 10.63 -16.82 -17.63
C ASP A 1029 11.67 -17.12 -16.55
N LEU A 1030 11.22 -17.47 -15.36
CA LEU A 1030 12.14 -18.01 -14.37
C LEU A 1030 12.64 -19.39 -14.80
N GLU A 1031 13.84 -19.74 -14.34
CA GLU A 1031 14.41 -21.04 -14.65
C GLU A 1031 13.56 -22.16 -14.06
N LYS A 1032 13.50 -23.27 -14.77
CA LYS A 1032 12.66 -24.40 -14.39
C LYS A 1032 13.52 -25.54 -13.85
N GLU A 1033 12.95 -26.31 -12.94
CA GLU A 1033 13.61 -27.48 -12.40
C GLU A 1033 13.54 -28.62 -13.41
N ALA A 1034 13.95 -29.81 -12.99
CA ALA A 1034 13.84 -30.98 -13.84
C ALA A 1034 12.36 -31.30 -14.10
N PRO A 1035 12.05 -31.87 -15.26
CA PRO A 1035 10.64 -32.19 -15.55
C PRO A 1035 10.07 -33.19 -14.56
N TRP A 1036 8.78 -33.04 -14.29
CA TRP A 1036 8.13 -33.87 -13.26
C TRP A 1036 8.14 -35.34 -13.65
N GLU A 1037 7.90 -35.64 -14.93
CA GLU A 1037 7.86 -37.01 -15.42
C GLU A 1037 8.97 -37.21 -16.44
N TYR A 1038 9.85 -38.18 -16.18
CA TYR A 1038 10.91 -38.53 -17.11
C TYR A 1038 10.42 -39.56 -18.12
N GLN A 1039 11.24 -39.77 -19.16
CA GLN A 1039 10.95 -40.84 -20.11
C GLN A 1039 11.07 -42.21 -19.45
N LYS A 1040 12.08 -42.39 -18.59
CA LYS A 1040 12.32 -43.66 -17.92
C LYS A 1040 11.45 -43.71 -16.66
N ARG A 1041 10.25 -44.24 -16.81
CA ARG A 1041 9.33 -44.34 -15.67
C ARG A 1041 9.80 -45.43 -14.72
N PRO A 1042 9.92 -45.14 -13.42
CA PRO A 1042 10.34 -46.19 -12.48
C PRO A 1042 9.25 -47.22 -12.30
N PRO A 1043 9.60 -48.46 -11.96
CA PRO A 1043 8.59 -49.49 -11.72
C PRO A 1043 7.67 -49.09 -10.58
N PRO A 1044 6.38 -49.42 -10.68
CA PRO A 1044 5.44 -49.06 -9.59
C PRO A 1044 5.76 -49.75 -8.26
N ALA A 1045 6.39 -50.93 -8.30
CA ALA A 1045 6.67 -51.68 -7.08
C ALA A 1045 7.89 -51.18 -6.34
N TRP A 1046 8.74 -50.37 -6.97
CA TRP A 1046 9.87 -49.78 -6.27
C TRP A 1046 9.38 -48.74 -5.27
N PRO A 1047 9.94 -48.71 -4.05
CA PRO A 1047 11.03 -49.53 -3.53
C PRO A 1047 10.55 -50.80 -2.83
N HIS A 1048 11.14 -51.95 -3.18
CA HIS A 1048 10.79 -53.19 -2.48
C HIS A 1048 11.40 -53.22 -1.09
N GLU A 1049 12.66 -52.79 -0.96
CA GLU A 1049 13.39 -52.82 0.30
C GLU A 1049 13.65 -51.44 0.88
N GLY A 1050 14.26 -50.55 0.10
CA GLY A 1050 14.55 -49.22 0.58
C GLY A 1050 16.02 -49.00 0.91
N VAL A 1051 16.89 -49.72 0.21
CA VAL A 1051 18.33 -49.57 0.42
C VAL A 1051 18.77 -48.20 -0.08
N ILE A 1052 19.51 -47.47 0.75
CA ILE A 1052 19.98 -46.13 0.42
C ILE A 1052 21.50 -46.16 0.31
N ILE A 1053 22.02 -45.61 -0.78
CA ILE A 1053 23.46 -45.58 -1.03
C ILE A 1053 23.89 -44.13 -1.12
N PHE A 1054 24.85 -43.74 -0.29
CA PHE A 1054 25.48 -42.44 -0.36
C PHE A 1054 26.92 -42.65 -0.82
N ASP A 1055 27.28 -42.04 -1.95
CA ASP A 1055 28.59 -42.22 -2.56
C ASP A 1055 29.12 -40.85 -2.97
N ASN A 1056 30.03 -40.30 -2.16
CA ASN A 1056 30.67 -39.01 -2.44
C ASN A 1056 29.63 -37.91 -2.64
N VAL A 1057 28.66 -37.87 -1.73
CA VAL A 1057 27.54 -36.95 -1.81
C VAL A 1057 27.98 -35.59 -1.27
N ASN A 1058 27.79 -34.55 -2.08
CA ASN A 1058 28.10 -33.18 -1.70
C ASN A 1058 26.92 -32.30 -2.07
N PHE A 1059 26.35 -31.62 -1.07
CA PHE A 1059 25.28 -30.68 -1.29
C PHE A 1059 25.84 -29.26 -1.32
N MET A 1060 25.12 -28.39 -2.01
CA MET A 1060 25.61 -27.03 -2.28
C MET A 1060 24.39 -26.15 -2.50
N TYR A 1061 24.20 -25.16 -1.62
CA TYR A 1061 22.98 -24.36 -1.65
C TYR A 1061 22.82 -23.62 -2.97
N SER A 1062 23.87 -22.95 -3.45
CA SER A 1062 23.80 -22.18 -4.68
C SER A 1062 25.12 -22.35 -5.42
N PRO A 1063 25.12 -22.19 -6.73
CA PRO A 1063 26.39 -22.21 -7.47
C PRO A 1063 27.31 -21.10 -6.99
N GLY A 1064 28.61 -21.41 -6.93
CA GLY A 1064 29.57 -20.49 -6.35
C GLY A 1064 29.36 -20.25 -4.86
N GLY A 1065 28.93 -21.27 -4.12
CA GLY A 1065 28.68 -21.14 -2.72
C GLY A 1065 29.45 -22.15 -1.89
N PRO A 1066 29.30 -22.07 -0.56
CA PRO A 1066 30.02 -23.01 0.31
C PRO A 1066 29.55 -24.44 0.14
N LEU A 1067 30.48 -25.37 0.34
CA LEU A 1067 30.19 -26.80 0.24
C LEU A 1067 29.70 -27.27 1.61
N VAL A 1068 28.38 -27.36 1.77
CA VAL A 1068 27.82 -27.73 3.06
C VAL A 1068 28.12 -29.19 3.40
N LEU A 1069 27.94 -30.09 2.43
CA LEU A 1069 28.17 -31.51 2.62
C LEU A 1069 29.42 -31.94 1.89
N LYS A 1070 30.25 -32.76 2.55
CA LYS A 1070 31.57 -33.13 2.05
C LYS A 1070 31.73 -34.65 2.02
N HIS A 1071 31.46 -35.25 0.87
CA HIS A 1071 31.84 -36.64 0.56
C HIS A 1071 31.24 -37.62 1.57
N LEU A 1072 29.91 -37.68 1.56
CA LEU A 1072 29.20 -38.67 2.37
C LEU A 1072 29.24 -40.02 1.70
N THR A 1073 29.63 -41.05 2.45
CA THR A 1073 29.71 -42.42 1.94
C THR A 1073 29.13 -43.34 2.99
N ALA A 1074 27.98 -43.96 2.68
CA ALA A 1074 27.29 -44.79 3.66
C ALA A 1074 26.29 -45.69 2.96
N LEU A 1075 25.85 -46.72 3.69
CA LEU A 1075 24.85 -47.66 3.23
C LEU A 1075 23.75 -47.77 4.28
N ILE A 1076 22.51 -47.82 3.81
CA ILE A 1076 21.33 -47.94 4.67
C ILE A 1076 20.54 -49.15 4.21
N LYS A 1077 20.40 -50.13 5.09
CA LYS A 1077 19.74 -51.38 4.76
C LYS A 1077 18.22 -51.21 4.84
N SER A 1078 17.50 -52.31 4.61
CA SER A 1078 16.05 -52.31 4.61
C SER A 1078 15.51 -52.49 6.03
N GLN A 1079 14.49 -51.69 6.36
CA GLN A 1079 13.79 -51.79 7.65
C GLN A 1079 14.75 -51.62 8.82
N GLU A 1080 15.37 -50.43 8.88
CA GLU A 1080 16.28 -50.09 9.96
C GLU A 1080 16.01 -48.68 10.42
N LYS A 1081 16.34 -48.40 11.68
CA LYS A 1081 16.15 -47.10 12.28
C LYS A 1081 17.49 -46.38 12.39
N VAL A 1082 17.56 -45.17 11.83
CA VAL A 1082 18.81 -44.41 11.75
C VAL A 1082 18.61 -43.07 12.44
N GLY A 1083 19.55 -42.71 13.30
CA GLY A 1083 19.52 -41.44 13.99
C GLY A 1083 20.53 -40.45 13.47
N ILE A 1084 20.40 -39.19 13.88
CA ILE A 1084 21.29 -38.11 13.45
C ILE A 1084 21.74 -37.35 14.69
N VAL A 1085 23.06 -37.20 14.85
CA VAL A 1085 23.62 -36.51 16.01
C VAL A 1085 24.51 -35.36 15.53
N GLY A 1086 25.10 -34.64 16.48
CA GLY A 1086 25.98 -33.54 16.15
C GLY A 1086 25.57 -32.23 16.80
N ARG A 1087 25.24 -31.25 15.98
CA ARG A 1087 24.84 -29.94 16.47
C ARG A 1087 24.05 -29.24 15.37
N THR A 1088 23.48 -28.08 15.72
CA THR A 1088 22.78 -27.29 14.73
C THR A 1088 23.77 -26.44 13.94
N GLY A 1089 24.79 -27.10 13.40
CA GLY A 1089 25.76 -26.46 12.52
C GLY A 1089 26.32 -27.47 11.53
N ALA A 1090 25.80 -28.69 11.57
CA ALA A 1090 26.27 -29.77 10.72
C ALA A 1090 25.47 -29.91 9.42
N GLY A 1091 24.29 -29.28 9.35
CA GLY A 1091 23.48 -29.31 8.15
C GLY A 1091 22.13 -29.96 8.35
N LYS A 1092 22.11 -31.10 9.04
CA LYS A 1092 20.88 -31.86 9.32
C LYS A 1092 19.92 -31.87 8.14
N SER A 1093 19.23 -30.75 7.90
CA SER A 1093 18.29 -30.63 6.81
C SER A 1093 18.95 -30.69 5.44
N SER A 1094 20.28 -30.60 5.38
CA SER A 1094 20.97 -30.70 4.09
C SER A 1094 20.73 -32.07 3.46
N LEU A 1095 20.76 -33.13 4.26
CA LEU A 1095 20.51 -34.47 3.73
C LEU A 1095 19.09 -34.59 3.19
N ILE A 1096 18.12 -34.01 3.91
CA ILE A 1096 16.73 -34.04 3.43
C ILE A 1096 16.61 -33.26 2.14
N SER A 1097 17.25 -32.10 2.05
CA SER A 1097 17.21 -31.32 0.82
C SER A 1097 17.84 -32.09 -0.34
N ALA A 1098 18.92 -32.83 -0.07
CA ALA A 1098 19.55 -33.62 -1.11
C ALA A 1098 18.65 -34.75 -1.59
N LEU A 1099 18.08 -35.51 -0.64
CA LEU A 1099 17.22 -36.63 -1.01
C LEU A 1099 15.97 -36.16 -1.75
N PHE A 1100 15.32 -35.13 -1.24
CA PHE A 1100 14.17 -34.55 -1.92
C PHE A 1100 14.56 -33.76 -3.16
N ARG A 1101 15.85 -33.44 -3.31
CA ARG A 1101 16.35 -32.66 -4.45
C ARG A 1101 15.67 -31.29 -4.54
N LEU A 1102 15.65 -30.57 -3.41
CA LEU A 1102 15.26 -29.15 -3.46
C LEU A 1102 16.24 -28.38 -4.34
N SER A 1103 17.51 -28.78 -4.35
CA SER A 1103 18.51 -28.24 -5.24
C SER A 1103 19.30 -29.39 -5.84
N GLU A 1104 19.87 -29.16 -7.01
CA GLU A 1104 20.60 -30.23 -7.69
C GLU A 1104 21.85 -30.57 -6.90
N PRO A 1105 22.02 -31.81 -6.45
CA PRO A 1105 23.19 -32.17 -5.64
C PRO A 1105 24.37 -32.62 -6.50
N GLU A 1106 25.46 -33.01 -5.84
CA GLU A 1106 26.63 -33.55 -6.54
C GLU A 1106 26.96 -34.91 -5.95
N GLY A 1107 27.42 -35.82 -6.79
CA GLY A 1107 27.74 -37.17 -6.37
C GLY A 1107 26.71 -38.16 -6.85
N LYS A 1108 26.85 -39.40 -6.39
CA LYS A 1108 25.99 -40.49 -6.78
C LYS A 1108 25.20 -41.00 -5.58
N ILE A 1109 23.89 -41.07 -5.73
CA ILE A 1109 23.00 -41.64 -4.72
C ILE A 1109 22.15 -42.72 -5.38
N TRP A 1110 22.16 -43.91 -4.82
CA TRP A 1110 21.42 -45.05 -5.37
C TRP A 1110 20.36 -45.49 -4.38
N ILE A 1111 19.12 -45.57 -4.84
CA ILE A 1111 18.02 -46.14 -4.08
C ILE A 1111 17.62 -47.44 -4.75
N ASP A 1112 17.81 -48.55 -4.04
CA ASP A 1112 17.54 -49.89 -4.56
C ASP A 1112 18.13 -50.08 -5.95
N LYS A 1113 19.43 -49.77 -6.06
CA LYS A 1113 20.20 -49.94 -7.29
C LYS A 1113 19.66 -49.08 -8.43
N ILE A 1114 19.01 -47.96 -8.11
CA ILE A 1114 18.51 -47.03 -9.10
C ILE A 1114 19.08 -45.65 -8.80
N LEU A 1115 19.72 -45.04 -9.79
CA LEU A 1115 20.31 -43.72 -9.59
C LEU A 1115 19.22 -42.66 -9.45
N THR A 1116 19.31 -41.85 -8.38
CA THR A 1116 18.22 -40.95 -8.03
C THR A 1116 17.98 -39.89 -9.10
N THR A 1117 19.00 -39.51 -9.85
CA THR A 1117 18.85 -38.46 -10.85
C THR A 1117 17.97 -38.87 -12.03
N GLU A 1118 17.70 -40.16 -12.19
CA GLU A 1118 16.94 -40.67 -13.32
C GLU A 1118 15.45 -40.84 -13.00
N ILE A 1119 14.99 -40.43 -11.83
CA ILE A 1119 13.59 -40.53 -11.44
C ILE A 1119 12.98 -39.15 -11.46
N GLY A 1120 11.79 -39.04 -12.04
CA GLY A 1120 11.08 -37.77 -12.03
C GLY A 1120 10.74 -37.33 -10.63
N LEU A 1121 10.64 -36.02 -10.44
CA LEU A 1121 10.43 -35.46 -9.10
C LEU A 1121 9.11 -35.92 -8.52
N HIS A 1122 8.05 -35.92 -9.33
CA HIS A 1122 6.77 -36.45 -8.86
C HIS A 1122 6.84 -37.96 -8.65
N ASP A 1123 7.74 -38.64 -9.36
CA ASP A 1123 7.93 -40.07 -9.21
C ASP A 1123 8.92 -40.43 -8.12
N LEU A 1124 9.50 -39.44 -7.45
CA LEU A 1124 10.45 -39.64 -6.36
C LEU A 1124 9.92 -39.15 -5.03
N ARG A 1125 9.49 -37.89 -4.96
CA ARG A 1125 9.01 -37.33 -3.70
C ARG A 1125 7.68 -37.92 -3.26
N LYS A 1126 6.88 -38.45 -4.20
CA LYS A 1126 5.62 -39.07 -3.82
C LYS A 1126 5.83 -40.34 -3.00
N LYS A 1127 6.96 -41.01 -3.18
CA LYS A 1127 7.22 -42.30 -2.54
C LYS A 1127 8.33 -42.19 -1.50
N MET A 1128 8.40 -41.05 -0.81
CA MET A 1128 9.35 -40.88 0.30
C MET A 1128 8.78 -39.81 1.23
N SER A 1129 8.21 -40.26 2.34
CA SER A 1129 7.42 -39.38 3.19
C SER A 1129 8.29 -38.64 4.19
N ILE A 1130 7.74 -37.57 4.77
CA ILE A 1130 8.44 -36.78 5.77
C ILE A 1130 7.43 -36.07 6.66
N ILE A 1131 7.79 -35.92 7.92
CA ILE A 1131 7.15 -35.01 8.86
C ILE A 1131 8.11 -33.84 9.09
N PRO A 1132 7.72 -32.61 8.75
CA PRO A 1132 8.68 -31.51 8.62
C PRO A 1132 9.02 -30.80 9.92
N GLN A 1133 9.74 -29.68 9.78
CA GLN A 1133 10.16 -28.86 10.91
C GLN A 1133 8.97 -28.39 11.73
N GLU A 1134 8.13 -27.55 11.14
CA GLU A 1134 6.86 -27.15 11.74
C GLU A 1134 5.72 -27.68 10.88
N PRO A 1135 4.90 -28.59 11.40
CA PRO A 1135 3.71 -29.00 10.64
C PRO A 1135 2.79 -27.83 10.38
N VAL A 1136 2.26 -27.76 9.15
CA VAL A 1136 1.41 -26.66 8.72
C VAL A 1136 0.22 -27.23 7.98
N LEU A 1137 -0.97 -27.09 8.57
CA LEU A 1137 -2.20 -27.42 7.87
C LEU A 1137 -2.58 -26.29 6.93
N PHE A 1138 -3.33 -26.64 5.90
CA PHE A 1138 -3.67 -25.72 4.82
C PHE A 1138 -5.14 -25.34 4.89
N THR A 1139 -5.46 -24.16 4.37
CA THR A 1139 -6.83 -23.67 4.40
C THR A 1139 -7.74 -24.57 3.58
N GLY A 1140 -8.86 -24.96 4.19
CA GLY A 1140 -9.83 -25.82 3.53
C GLY A 1140 -10.35 -26.85 4.51
N THR A 1141 -10.85 -27.95 3.96
CA THR A 1141 -11.40 -29.05 4.74
C THR A 1141 -10.32 -30.06 5.08
N MET A 1142 -10.61 -30.89 6.09
CA MET A 1142 -9.69 -31.96 6.45
C MET A 1142 -9.53 -32.97 5.32
N ARG A 1143 -10.59 -33.23 4.55
CA ARG A 1143 -10.50 -34.19 3.46
C ARG A 1143 -9.43 -33.79 2.45
N LYS A 1144 -9.51 -32.56 1.94
CA LYS A 1144 -8.49 -32.07 1.01
C LYS A 1144 -7.15 -31.90 1.71
N ASN A 1145 -7.17 -31.40 2.95
CA ASN A 1145 -5.94 -31.08 3.68
C ASN A 1145 -5.17 -32.32 4.10
N LEU A 1146 -5.79 -33.50 4.03
CA LEU A 1146 -5.12 -34.76 4.29
C LEU A 1146 -4.85 -35.56 3.01
N ASP A 1147 -5.86 -35.72 2.16
CA ASP A 1147 -5.75 -36.49 0.92
C ASP A 1147 -6.21 -35.59 -0.22
N PRO A 1148 -5.38 -34.64 -0.63
CA PRO A 1148 -5.78 -33.71 -1.70
C PRO A 1148 -6.08 -34.40 -3.01
N PHE A 1149 -5.35 -35.46 -3.35
CA PHE A 1149 -5.55 -36.15 -4.62
C PHE A 1149 -6.67 -37.18 -4.57
N ASN A 1150 -7.16 -37.51 -3.37
CA ASN A 1150 -8.38 -38.30 -3.19
C ASN A 1150 -8.27 -39.68 -3.83
N GLU A 1151 -7.35 -40.47 -3.29
CA GLU A 1151 -7.23 -41.88 -3.66
C GLU A 1151 -7.64 -42.82 -2.54
N HIS A 1152 -8.14 -42.30 -1.43
CA HIS A 1152 -8.52 -43.12 -0.28
C HIS A 1152 -10.04 -43.11 -0.11
N THR A 1153 -10.50 -43.73 0.96
CA THR A 1153 -11.92 -43.86 1.26
C THR A 1153 -12.22 -43.24 2.62
N ASP A 1154 -13.50 -42.95 2.85
CA ASP A 1154 -13.91 -42.37 4.11
C ASP A 1154 -13.67 -43.34 5.27
N GLU A 1155 -13.89 -44.64 5.03
CA GLU A 1155 -13.62 -45.62 6.08
C GLU A 1155 -12.15 -45.65 6.46
N GLU A 1156 -11.25 -45.60 5.47
CA GLU A 1156 -9.83 -45.55 5.76
C GLU A 1156 -9.47 -44.26 6.49
N LEU A 1157 -10.05 -43.14 6.06
CA LEU A 1157 -9.83 -41.87 6.74
C LEU A 1157 -10.21 -41.96 8.22
N TRP A 1158 -11.42 -42.44 8.50
CA TRP A 1158 -11.88 -42.50 9.88
C TRP A 1158 -11.05 -43.49 10.70
N ASN A 1159 -10.69 -44.63 10.10
CA ASN A 1159 -9.84 -45.59 10.81
C ASN A 1159 -8.51 -44.97 11.20
N ALA A 1160 -7.80 -44.39 10.22
CA ALA A 1160 -6.50 -43.80 10.49
C ALA A 1160 -6.60 -42.68 11.50
N LEU A 1161 -7.63 -41.83 11.38
CA LEU A 1161 -7.82 -40.76 12.35
C LEU A 1161 -8.15 -41.33 13.72
N GLN A 1162 -8.72 -42.54 13.77
CA GLN A 1162 -8.96 -43.19 15.05
C GLN A 1162 -7.64 -43.64 15.70
N GLU A 1163 -6.75 -44.27 14.92
CA GLU A 1163 -5.43 -44.52 15.51
C GLU A 1163 -4.69 -43.24 15.83
N VAL A 1164 -5.03 -42.13 15.16
CA VAL A 1164 -4.47 -40.84 15.54
C VAL A 1164 -5.02 -40.38 16.89
N GLN A 1165 -6.18 -40.90 17.30
CA GLN A 1165 -6.89 -40.57 18.54
C GLN A 1165 -7.44 -39.15 18.53
N LEU A 1166 -7.46 -38.48 17.39
CA LEU A 1166 -8.12 -37.19 17.22
C LEU A 1166 -9.52 -37.35 16.64
N LYS A 1167 -9.97 -38.59 16.42
CA LYS A 1167 -11.30 -38.81 15.86
C LYS A 1167 -12.39 -38.25 16.76
N GLU A 1168 -12.29 -38.50 18.07
CA GLU A 1168 -13.24 -37.90 19.01
C GLU A 1168 -13.02 -36.40 19.13
N THR A 1169 -11.78 -35.94 18.96
CA THR A 1169 -11.50 -34.51 19.00
C THR A 1169 -12.15 -33.78 17.83
N ILE A 1170 -12.34 -34.46 16.70
CA ILE A 1170 -12.89 -33.84 15.51
C ILE A 1170 -14.38 -34.12 15.33
N GLU A 1171 -14.91 -35.17 15.94
CA GLU A 1171 -16.33 -35.46 15.77
C GLU A 1171 -17.18 -34.62 16.70
N ASP A 1172 -16.96 -33.31 16.69
CA ASP A 1172 -17.81 -32.35 17.37
C ASP A 1172 -18.00 -31.06 16.59
N LEU A 1173 -17.32 -30.90 15.46
CA LEU A 1173 -17.42 -29.70 14.64
C LEU A 1173 -18.76 -29.66 13.90
N PRO A 1174 -19.16 -28.49 13.40
CA PRO A 1174 -20.41 -28.41 12.64
C PRO A 1174 -20.47 -29.38 11.47
N GLY A 1175 -19.35 -29.61 10.79
CA GLY A 1175 -19.26 -30.63 9.75
C GLY A 1175 -18.58 -31.87 10.31
N LYS A 1176 -19.07 -33.03 9.88
CA LYS A 1176 -18.50 -34.30 10.35
C LYS A 1176 -17.03 -34.42 9.93
N MET A 1177 -16.76 -34.15 8.65
CA MET A 1177 -15.38 -34.12 8.16
C MET A 1177 -15.14 -33.00 7.15
N ASP A 1178 -16.13 -32.16 6.87
CA ASP A 1178 -16.00 -31.09 5.89
C ASP A 1178 -15.87 -29.72 6.53
N THR A 1179 -15.59 -29.66 7.84
CA THR A 1179 -15.44 -28.37 8.51
C THR A 1179 -14.20 -27.65 7.99
N GLU A 1180 -14.37 -26.39 7.62
CA GLU A 1180 -13.25 -25.59 7.12
C GLU A 1180 -12.40 -25.12 8.29
N LEU A 1181 -11.08 -25.26 8.15
CA LEU A 1181 -10.15 -24.90 9.20
C LEU A 1181 -9.66 -23.46 9.03
N ALA A 1182 -9.06 -22.94 10.09
CA ALA A 1182 -8.50 -21.60 10.07
C ALA A 1182 -7.14 -21.62 9.38
N GLU A 1183 -6.43 -20.49 9.42
CA GLU A 1183 -5.14 -20.40 8.76
C GLU A 1183 -4.08 -21.16 9.56
N SER A 1184 -3.52 -22.20 8.96
CA SER A 1184 -2.46 -23.02 9.57
C SER A 1184 -2.91 -23.62 10.90
N GLY A 1185 -4.19 -23.96 11.02
CA GLY A 1185 -4.70 -24.58 12.23
C GLY A 1185 -4.59 -23.70 13.45
N SER A 1186 -5.01 -22.44 13.32
CA SER A 1186 -4.96 -21.52 14.47
C SER A 1186 -5.80 -22.03 15.63
N ASN A 1187 -6.92 -22.69 15.33
CA ASN A 1187 -7.75 -23.29 16.37
C ASN A 1187 -7.20 -24.61 16.88
N PHE A 1188 -6.14 -25.13 16.26
CA PHE A 1188 -5.55 -26.41 16.63
C PHE A 1188 -4.20 -26.18 17.32
N SER A 1189 -3.68 -27.25 17.91
CA SER A 1189 -2.40 -27.22 18.60
C SER A 1189 -1.30 -27.79 17.71
N VAL A 1190 -0.06 -27.49 18.07
CA VAL A 1190 1.08 -28.00 17.33
C VAL A 1190 1.12 -29.53 17.40
N GLY A 1191 0.71 -30.09 18.54
CA GLY A 1191 0.61 -31.54 18.63
C GLY A 1191 -0.43 -32.11 17.69
N GLN A 1192 -1.56 -31.43 17.54
CA GLN A 1192 -2.58 -31.86 16.58
C GLN A 1192 -2.04 -31.76 15.15
N ARG A 1193 -1.28 -30.71 14.86
CA ARG A 1193 -0.60 -30.61 13.57
C ARG A 1193 0.28 -31.82 13.31
N GLN A 1194 1.09 -32.19 14.31
CA GLN A 1194 1.97 -33.34 14.16
C GLN A 1194 1.19 -34.63 13.98
N LEU A 1195 0.07 -34.78 14.70
CA LEU A 1195 -0.77 -35.96 14.53
C LEU A 1195 -1.35 -36.03 13.12
N VAL A 1196 -1.78 -34.89 12.58
CA VAL A 1196 -2.29 -34.89 11.21
C VAL A 1196 -1.19 -35.27 10.23
N CYS A 1197 0.02 -34.77 10.46
CA CYS A 1197 1.12 -35.11 9.56
C CYS A 1197 1.46 -36.60 9.61
N LEU A 1198 1.51 -37.18 10.81
CA LEU A 1198 1.78 -38.61 10.89
C LEU A 1198 0.62 -39.41 10.31
N ALA A 1199 -0.61 -38.89 10.39
CA ALA A 1199 -1.73 -39.53 9.71
C ALA A 1199 -1.53 -39.56 8.20
N ARG A 1200 -1.15 -38.41 7.64
CA ARG A 1200 -0.92 -38.37 6.19
C ARG A 1200 0.22 -39.30 5.81
N ALA A 1201 1.23 -39.41 6.68
CA ALA A 1201 2.35 -40.31 6.40
C ALA A 1201 1.93 -41.77 6.41
N ILE A 1202 1.17 -42.19 7.43
CA ILE A 1202 0.76 -43.58 7.50
C ILE A 1202 -0.23 -43.91 6.39
N LEU A 1203 -1.01 -42.92 5.93
CA LEU A 1203 -1.93 -43.18 4.82
C LEU A 1203 -1.20 -43.30 3.48
N ARG A 1204 -0.22 -42.42 3.23
CA ARG A 1204 0.57 -42.59 2.02
C ARG A 1204 1.47 -43.83 2.09
N LYS A 1205 1.71 -44.34 3.30
CA LYS A 1205 2.29 -45.65 3.58
C LYS A 1205 3.44 -46.05 2.66
N ASN A 1206 4.33 -45.13 2.35
CA ASN A 1206 5.53 -45.50 1.63
C ASN A 1206 6.55 -46.12 2.58
N GLN A 1207 7.49 -46.88 2.01
CA GLN A 1207 8.45 -47.61 2.83
C GLN A 1207 9.40 -46.67 3.58
N ILE A 1208 9.84 -45.60 2.92
CA ILE A 1208 10.89 -44.73 3.43
C ILE A 1208 10.28 -43.42 3.93
N LEU A 1209 10.63 -43.05 5.16
CA LEU A 1209 10.08 -41.88 5.81
C LEU A 1209 11.18 -41.15 6.58
N ILE A 1210 11.00 -39.85 6.75
CA ILE A 1210 11.93 -39.00 7.49
C ILE A 1210 11.13 -38.19 8.52
N ILE A 1211 11.68 -38.07 9.73
CA ILE A 1211 11.08 -37.27 10.79
C ILE A 1211 12.05 -36.15 11.15
N ASP A 1212 11.53 -34.92 11.22
CA ASP A 1212 12.33 -33.71 11.48
C ASP A 1212 11.94 -33.14 12.85
N GLN A 1213 12.81 -33.37 13.84
CA GLN A 1213 12.71 -32.79 15.18
C GLN A 1213 11.26 -32.75 15.67
N ALA A 1214 10.71 -33.94 15.87
CA ALA A 1214 9.29 -34.10 16.16
C ALA A 1214 8.85 -33.27 17.36
N THR A 1215 9.75 -33.03 18.32
CA THR A 1215 9.45 -32.22 19.49
C THR A 1215 10.40 -31.04 19.57
N ALA A 1216 9.86 -29.83 19.64
CA ALA A 1216 10.64 -28.63 19.88
C ALA A 1216 10.22 -27.91 21.16
N ASN A 1217 8.93 -27.61 21.33
CA ASN A 1217 8.41 -27.04 22.54
C ASN A 1217 7.08 -27.69 22.94
N VAL A 1218 6.80 -28.88 22.43
CA VAL A 1218 5.51 -29.53 22.59
C VAL A 1218 5.40 -30.13 23.98
N ASP A 1219 4.17 -30.26 24.46
CA ASP A 1219 3.94 -30.82 25.79
C ASP A 1219 4.41 -32.27 25.85
N PRO A 1220 4.93 -32.73 26.99
CA PRO A 1220 5.44 -34.10 27.08
C PRO A 1220 4.41 -35.17 26.80
N ARG A 1221 3.13 -34.92 27.12
CA ARG A 1221 2.10 -35.90 26.83
C ARG A 1221 1.99 -36.16 25.33
N THR A 1222 1.82 -35.09 24.54
CA THR A 1222 1.76 -35.25 23.10
C THR A 1222 3.08 -35.76 22.54
N ASP A 1223 4.20 -35.41 23.18
CA ASP A 1223 5.49 -35.96 22.79
C ASP A 1223 5.44 -37.48 22.89
N GLU A 1224 5.30 -38.01 24.11
CA GLU A 1224 5.31 -39.46 24.28
C GLU A 1224 4.27 -40.13 23.38
N LEU A 1225 3.14 -39.46 23.14
CA LEU A 1225 2.17 -39.97 22.17
C LEU A 1225 2.82 -40.14 20.79
N ILE A 1226 3.47 -39.09 20.28
CA ILE A 1226 3.95 -39.16 18.91
C ILE A 1226 5.10 -40.16 18.78
N GLN A 1227 5.99 -40.23 19.77
CA GLN A 1227 7.02 -41.27 19.70
C GLN A 1227 6.43 -42.67 19.78
N LYS A 1228 5.47 -42.91 20.67
CA LYS A 1228 4.96 -44.27 20.77
C LYS A 1228 4.21 -44.66 19.49
N LYS A 1229 3.48 -43.71 18.88
CA LYS A 1229 2.84 -44.00 17.60
C LYS A 1229 3.88 -44.29 16.52
N ILE A 1230 4.95 -43.48 16.47
CA ILE A 1230 5.93 -43.64 15.40
C ILE A 1230 6.70 -44.94 15.55
N ARG A 1231 6.86 -45.43 16.78
CA ARG A 1231 7.55 -46.70 16.98
C ARG A 1231 6.62 -47.91 16.94
N GLU A 1232 5.30 -47.71 17.08
CA GLU A 1232 4.37 -48.82 17.04
C GLU A 1232 3.71 -49.01 15.68
N LYS A 1233 3.74 -48.00 14.81
CA LYS A 1233 3.13 -48.12 13.49
C LYS A 1233 4.14 -48.38 12.37
N PHE A 1234 5.43 -48.23 12.63
CA PHE A 1234 6.43 -48.31 11.57
C PHE A 1234 7.47 -49.39 11.84
N ALA A 1235 7.02 -50.57 12.25
CA ALA A 1235 7.96 -51.68 12.45
C ALA A 1235 8.57 -52.14 11.12
N HIS A 1236 7.80 -52.10 10.04
CA HIS A 1236 8.26 -52.55 8.73
C HIS A 1236 8.64 -51.39 7.80
N CYS A 1237 8.76 -50.18 8.32
CA CYS A 1237 9.05 -49.01 7.51
C CYS A 1237 10.40 -48.42 7.93
N THR A 1238 11.25 -48.13 6.94
CA THR A 1238 12.54 -47.51 7.19
C THR A 1238 12.36 -46.02 7.45
N VAL A 1239 12.99 -45.52 8.52
CA VAL A 1239 12.81 -44.15 8.97
C VAL A 1239 14.17 -43.52 9.21
N LEU A 1240 14.31 -42.26 8.79
CA LEU A 1240 15.48 -41.44 9.06
C LEU A 1240 15.06 -40.34 10.03
N THR A 1241 15.72 -40.30 11.18
CA THR A 1241 15.32 -39.41 12.27
C THR A 1241 16.35 -38.33 12.47
N ILE A 1242 15.90 -37.07 12.53
CA ILE A 1242 16.76 -35.96 12.91
C ILE A 1242 16.10 -35.22 14.08
N ALA A 1243 16.88 -34.92 15.10
CA ALA A 1243 16.36 -34.26 16.29
C ALA A 1243 17.51 -33.60 17.04
N HIS A 1244 17.15 -32.67 17.91
CA HIS A 1244 18.13 -31.95 18.72
C HIS A 1244 18.43 -32.62 20.04
N ARG A 1245 17.70 -33.68 20.41
CA ARG A 1245 17.90 -34.37 21.67
C ARG A 1245 18.13 -35.85 21.41
N LEU A 1246 19.02 -36.44 22.20
CA LEU A 1246 19.46 -37.81 21.97
C LEU A 1246 18.50 -38.85 22.54
N ASN A 1247 17.65 -38.47 23.49
CA ASN A 1247 16.78 -39.46 24.15
C ASN A 1247 15.84 -40.12 23.16
N THR A 1248 15.29 -39.35 22.23
CA THR A 1248 14.40 -39.93 21.22
C THR A 1248 15.15 -40.84 20.24
N ILE A 1249 16.47 -40.72 20.15
CA ILE A 1249 17.26 -41.50 19.20
C ILE A 1249 18.29 -42.38 19.90
N ILE A 1250 18.23 -42.47 21.23
CA ILE A 1250 19.17 -43.34 21.94
C ILE A 1250 18.90 -44.80 21.63
N ASP A 1251 17.65 -45.15 21.31
CA ASP A 1251 17.28 -46.51 20.97
C ASP A 1251 17.47 -46.82 19.49
N SER A 1252 17.94 -45.86 18.70
CA SER A 1252 18.16 -46.10 17.28
C SER A 1252 19.25 -47.13 17.07
N ASP A 1253 19.03 -48.03 16.09
CA ASP A 1253 20.01 -49.06 15.79
C ASP A 1253 21.31 -48.47 15.26
N LYS A 1254 21.20 -47.50 14.35
CA LYS A 1254 22.36 -46.89 13.72
C LYS A 1254 22.19 -45.38 13.74
N ILE A 1255 23.32 -44.66 13.66
CA ILE A 1255 23.32 -43.20 13.72
C ILE A 1255 24.38 -42.65 12.79
N MET A 1256 24.03 -41.64 12.00
CA MET A 1256 25.01 -40.82 11.30
C MET A 1256 25.66 -39.85 12.27
N VAL A 1257 26.98 -39.78 12.24
CA VAL A 1257 27.72 -38.76 12.98
C VAL A 1257 28.14 -37.71 11.98
N LEU A 1258 27.52 -36.53 12.06
CA LEU A 1258 27.69 -35.48 11.06
C LEU A 1258 28.34 -34.26 11.70
N ASP A 1259 29.31 -33.68 11.00
CA ASP A 1259 30.04 -32.51 11.47
C ASP A 1259 30.29 -31.60 10.26
N SER A 1260 29.45 -30.56 10.13
CA SER A 1260 29.57 -29.58 9.05
C SER A 1260 29.61 -30.26 7.68
N GLY A 1261 28.76 -31.29 7.52
CA GLY A 1261 28.71 -32.01 6.27
C GLY A 1261 29.78 -33.06 6.09
N ARG A 1262 30.46 -33.45 7.17
CA ARG A 1262 31.47 -34.50 7.13
C ARG A 1262 31.01 -35.67 7.98
N LEU A 1263 31.06 -36.87 7.41
CA LEU A 1263 30.74 -38.08 8.16
C LEU A 1263 31.94 -38.49 9.01
N LYS A 1264 31.72 -38.66 10.31
CA LYS A 1264 32.79 -39.00 11.23
C LYS A 1264 32.73 -40.44 11.72
N GLU A 1265 31.60 -40.89 12.24
CA GLU A 1265 31.46 -42.28 12.67
C GLU A 1265 30.10 -42.82 12.22
N TYR A 1266 30.03 -44.15 12.15
CA TYR A 1266 28.80 -44.85 11.77
C TYR A 1266 28.85 -46.23 12.43
N ASP A 1267 28.10 -46.39 13.51
CA ASP A 1267 27.99 -47.67 14.21
C ASP A 1267 26.82 -47.57 15.18
N GLU A 1268 26.60 -48.66 15.92
CA GLU A 1268 25.55 -48.69 16.93
C GLU A 1268 25.89 -47.69 18.04
N PRO A 1269 24.91 -46.96 18.58
CA PRO A 1269 25.23 -45.89 19.54
C PRO A 1269 26.00 -46.36 20.76
N TYR A 1270 25.69 -47.54 21.31
CA TYR A 1270 26.44 -48.02 22.46
C TYR A 1270 27.88 -48.32 22.09
N VAL A 1271 28.10 -48.88 20.90
CA VAL A 1271 29.47 -49.10 20.43
C VAL A 1271 30.18 -47.76 20.25
N LEU A 1272 29.45 -46.74 19.81
CA LEU A 1272 30.04 -45.41 19.66
C LEU A 1272 30.47 -44.84 21.01
N LEU A 1273 29.59 -44.91 22.02
CA LEU A 1273 29.94 -44.39 23.33
C LEU A 1273 30.94 -45.28 24.07
N GLN A 1274 31.15 -46.51 23.60
CA GLN A 1274 32.20 -47.35 24.18
C GLN A 1274 33.56 -46.69 24.03
N ASN A 1275 33.78 -46.02 22.90
CA ASN A 1275 35.01 -45.25 22.70
C ASN A 1275 34.86 -43.89 23.34
N LYS A 1276 35.69 -43.60 24.35
CA LYS A 1276 35.62 -42.31 25.02
C LYS A 1276 35.99 -41.17 24.08
N GLU A 1277 36.85 -41.43 23.10
CA GLU A 1277 37.28 -40.41 22.15
C GLU A 1277 36.24 -40.12 21.07
N SER A 1278 35.18 -40.92 20.99
CA SER A 1278 34.15 -40.68 19.98
C SER A 1278 33.40 -39.38 20.27
N LEU A 1279 33.01 -38.69 19.20
CA LEU A 1279 32.32 -37.41 19.36
C LEU A 1279 30.91 -37.59 19.90
N PHE A 1280 30.26 -38.72 19.60
CA PHE A 1280 28.94 -38.97 20.17
C PHE A 1280 29.01 -39.08 21.69
N TYR A 1281 30.04 -39.76 22.21
CA TYR A 1281 30.21 -39.84 23.66
C TYR A 1281 30.47 -38.46 24.26
N LYS A 1282 31.24 -37.63 23.56
CA LYS A 1282 31.46 -36.27 24.04
C LYS A 1282 30.15 -35.49 24.09
N MET A 1283 29.31 -35.63 23.06
CA MET A 1283 28.01 -34.97 23.05
C MET A 1283 27.14 -35.45 24.20
N VAL A 1284 27.17 -36.76 24.46
CA VAL A 1284 26.40 -37.31 25.57
C VAL A 1284 26.88 -36.74 26.89
N GLN A 1285 28.20 -36.69 27.09
CA GLN A 1285 28.77 -36.17 28.32
C GLN A 1285 28.60 -34.67 28.46
N GLN A 1286 28.31 -33.95 27.37
CA GLN A 1286 28.08 -32.52 27.47
C GLN A 1286 26.87 -32.22 28.35
N LEU A 1287 25.79 -33.00 28.22
CA LEU A 1287 24.59 -32.75 29.01
C LEU A 1287 24.85 -32.96 30.49
N GLY A 1288 25.52 -34.04 30.85
CA GLY A 1288 25.78 -34.33 32.26
C GLY A 1288 26.18 -35.78 32.45
N LYS A 1289 25.86 -36.30 33.64
CA LYS A 1289 26.22 -37.66 34.02
C LYS A 1289 25.00 -38.55 34.22
N ALA A 1290 24.01 -38.10 34.99
CA ALA A 1290 22.82 -38.91 35.24
C ALA A 1290 22.07 -39.19 33.95
N GLU A 1291 21.85 -38.15 33.14
CA GLU A 1291 21.28 -38.36 31.81
C GLU A 1291 22.19 -39.18 30.93
N ALA A 1292 23.50 -38.99 31.05
CA ALA A 1292 24.45 -39.84 30.32
C ALA A 1292 24.33 -41.29 30.77
N ALA A 1293 24.18 -41.51 32.07
CA ALA A 1293 24.01 -42.88 32.57
C ALA A 1293 22.72 -43.51 32.04
N ALA A 1294 21.63 -42.75 32.02
CA ALA A 1294 20.37 -43.27 31.50
C ALA A 1294 20.47 -43.59 30.02
N LEU A 1295 21.11 -42.70 29.25
CA LEU A 1295 21.29 -42.96 27.82
C LEU A 1295 22.16 -44.19 27.60
N THR A 1296 23.22 -44.34 28.38
CA THR A 1296 24.08 -45.52 28.26
C THR A 1296 23.31 -46.79 28.59
N GLU A 1297 22.49 -46.76 29.64
CA GLU A 1297 21.69 -47.92 30.00
C GLU A 1297 20.72 -48.29 28.88
N THR A 1298 20.03 -47.28 28.32
CA THR A 1298 19.08 -47.56 27.25
C THR A 1298 19.79 -48.12 26.02
N ALA A 1299 20.94 -47.53 25.65
CA ALA A 1299 21.67 -48.00 24.48
C ALA A 1299 22.18 -49.43 24.69
N LYS A 1300 22.71 -49.72 25.87
CA LYS A 1300 23.22 -51.07 26.10
C LYS A 1300 22.10 -52.09 26.13
N GLN A 1301 20.95 -51.75 26.73
CA GLN A 1301 19.87 -52.74 26.75
C GLN A 1301 19.28 -52.95 25.35
N VAL A 1302 19.24 -51.90 24.53
CA VAL A 1302 18.88 -52.08 23.12
C VAL A 1302 19.87 -53.00 22.44
N TYR A 1303 21.17 -52.81 22.70
CA TYR A 1303 22.19 -53.62 22.03
C TYR A 1303 22.07 -55.08 22.43
N PHE A 1304 21.90 -55.37 23.72
CA PHE A 1304 21.77 -56.76 24.16
C PHE A 1304 20.47 -57.39 23.66
N LYS A 1305 19.36 -56.64 23.67
CA LYS A 1305 18.11 -57.22 23.21
C LYS A 1305 18.14 -57.50 21.71
N ARG A 1306 18.75 -56.62 20.93
CA ARG A 1306 18.77 -56.78 19.48
C ARG A 1306 19.82 -57.79 19.04
N ASN A 1307 21.07 -57.59 19.46
CA ASN A 1307 22.16 -58.44 19.00
C ASN A 1307 22.14 -59.83 19.64
N TYR A 1308 21.62 -59.95 20.87
CA TYR A 1308 21.59 -61.21 21.59
C TYR A 1308 20.17 -61.45 22.09
N PRO A 1309 19.25 -61.87 21.21
CA PRO A 1309 17.86 -62.11 21.60
C PRO A 1309 17.69 -63.39 22.40
#